data_7PBU
#
_entry.id   7PBU
#
loop_
_entity.id
_entity.type
_entity.pdbx_description
1 polymer 'Holliday junction ATP-dependent DNA helicase RuvA'
2 polymer 'Holliday junction'
3 polymer 'Holliday junction'
#
loop_
_entity_poly.entity_id
_entity_poly.type
_entity_poly.pdbx_seq_one_letter_code
_entity_poly.pdbx_strand_id
1 'polypeptide(L)'
;VIGRLRGIILEKQPPIVLLETGGVGYEVHMPMTCFYELPEAGQEAIVFTHFVVREDAQLLYGFNNKQERTLFKELIKTNG
VGPKLALAILSGMSAQQFVNAVEREELGALVKLPGIGKKTAERLIVEMKDRFK
;
A,B,C,D,F,H,J,L
2 'polydeoxyribonucleotide' (DT)(DA)(DT)(DT)(DC)(DT)(DT)(DT)(DA)(DA)(DA)(DG)(DA)(DA)(DT)(DA)(DG) E,G
3 'polydeoxyribonucleotide' (DC)(DT)(DA)(DT)(DT)(DC)(DT)(DT)(DT)(DA)(DA)(DA)(DG)(DA)(DA)(DT)(DA) I,K
#
loop_
_chem_comp.id
_chem_comp.type
_chem_comp.name
_chem_comp.formula
DA DNA linking 2'-DEOXYADENOSINE-5'-MONOPHOSPHATE 'C10 H14 N5 O6 P'
DC DNA linking 2'-DEOXYCYTIDINE-5'-MONOPHOSPHATE 'C9 H14 N3 O7 P'
DG DNA linking 2'-DEOXYGUANOSINE-5'-MONOPHOSPHATE 'C10 H14 N5 O7 P'
DT DNA linking THYMIDINE-5'-MONOPHOSPHATE 'C10 H15 N2 O8 P'
#
# COMPACT_ATOMS: atom_id res chain seq x y z
N VAL A 1 -21.23 10.83 3.89
CA VAL A 1 -20.87 11.05 5.31
C VAL A 1 -22.13 11.30 6.13
N ILE A 2 -22.43 10.39 7.05
CA ILE A 2 -23.60 10.51 7.91
C ILE A 2 -23.31 11.54 9.00
N GLY A 3 -24.08 12.61 9.02
CA GLY A 3 -23.94 13.65 10.03
C GLY A 3 -24.88 13.55 11.21
N ARG A 4 -26.07 12.99 11.01
CA ARG A 4 -27.04 12.86 12.09
C ARG A 4 -27.92 11.65 11.83
N LEU A 5 -28.33 10.97 12.90
CA LEU A 5 -29.26 9.86 12.82
C LEU A 5 -30.45 10.09 13.72
N ARG A 6 -31.63 9.79 13.21
CA ARG A 6 -32.88 9.86 13.96
C ARG A 6 -33.63 8.55 13.79
N GLY A 7 -33.96 7.88 14.89
CA GLY A 7 -34.62 6.61 14.77
C GLY A 7 -35.07 6.06 16.11
N ILE A 8 -35.47 4.80 16.10
CA ILE A 8 -36.00 4.10 17.26
C ILE A 8 -34.88 3.31 17.94
N ILE A 9 -34.80 3.43 19.27
CA ILE A 9 -33.82 2.65 20.02
C ILE A 9 -34.27 1.21 20.11
N LEU A 10 -33.47 0.30 19.58
CA LEU A 10 -33.75 -1.13 19.64
C LEU A 10 -33.09 -1.81 20.83
N GLU A 11 -31.81 -1.54 21.07
CA GLU A 11 -31.09 -2.17 22.15
C GLU A 11 -30.06 -1.20 22.71
N LYS A 12 -29.82 -1.31 24.01
CA LYS A 12 -28.83 -0.49 24.72
C LYS A 12 -27.89 -1.42 25.47
N GLN A 13 -26.65 -1.51 25.02
CA GLN A 13 -25.65 -2.36 25.67
C GLN A 13 -24.33 -1.60 25.67
N PRO A 14 -24.09 -0.78 26.69
CA PRO A 14 -22.90 0.06 26.71
C PRO A 14 -21.65 -0.72 26.33
N PRO A 15 -20.76 -0.13 25.51
CA PRO A 15 -20.83 1.21 24.93
C PRO A 15 -21.59 1.35 23.62
N ILE A 16 -22.29 0.31 23.16
CA ILE A 16 -22.95 0.32 21.86
C ILE A 16 -24.45 0.51 22.01
N VAL A 17 -25.03 1.32 21.14
CA VAL A 17 -26.48 1.50 21.03
C VAL A 17 -26.87 1.14 19.61
N LEU A 18 -28.06 0.57 19.45
CA LEU A 18 -28.57 0.18 18.14
C LEU A 18 -29.80 1.00 17.79
N LEU A 19 -29.72 1.78 16.71
CA LEU A 19 -30.82 2.61 16.23
C LEU A 19 -31.33 2.05 14.91
N GLU A 20 -32.65 1.90 14.77
CA GLU A 20 -33.25 1.43 13.54
C GLU A 20 -33.87 2.56 12.75
N THR A 21 -33.51 2.66 11.48
CA THR A 21 -34.10 3.60 10.54
C THR A 21 -34.53 2.84 9.30
N GLY A 22 -35.84 2.79 9.04
CA GLY A 22 -36.31 2.13 7.83
C GLY A 22 -35.86 0.69 7.67
N GLY A 23 -35.75 -0.05 8.75
CA GLY A 23 -35.35 -1.43 8.70
C GLY A 23 -33.86 -1.70 8.73
N VAL A 24 -33.03 -0.67 8.75
CA VAL A 24 -31.59 -0.82 8.85
C VAL A 24 -31.17 -0.40 10.26
N GLY A 25 -30.45 -1.27 10.95
CA GLY A 25 -29.99 -1.00 12.30
C GLY A 25 -28.53 -0.59 12.28
N TYR A 26 -28.24 0.56 12.87
CA TYR A 26 -26.90 1.11 12.89
C TYR A 26 -26.27 0.95 14.27
N GLU A 27 -25.06 0.41 14.29
CA GLU A 27 -24.26 0.28 15.49
C GLU A 27 -23.59 1.62 15.78
N VAL A 28 -23.84 2.20 16.95
CA VAL A 28 -23.26 3.48 17.33
C VAL A 28 -22.51 3.39 18.64
N HIS A 29 -21.30 3.91 18.68
CA HIS A 29 -20.48 3.95 19.89
C HIS A 29 -20.72 5.29 20.57
N MET A 30 -20.86 5.28 21.89
CA MET A 30 -21.13 6.52 22.60
C MET A 30 -20.36 6.60 23.91
N PRO A 31 -20.07 7.80 24.39
CA PRO A 31 -19.41 7.96 25.70
C PRO A 31 -20.21 7.33 26.84
N MET A 32 -19.48 6.69 27.75
CA MET A 32 -20.13 5.98 28.85
C MET A 32 -21.04 6.88 29.68
N THR A 33 -20.66 8.15 29.88
CA THR A 33 -21.45 9.03 30.72
C THR A 33 -22.59 9.74 29.99
N CYS A 34 -22.55 9.83 28.67
CA CYS A 34 -23.68 10.43 27.96
C CYS A 34 -24.79 9.41 27.74
N PHE A 35 -24.45 8.13 27.88
CA PHE A 35 -25.40 7.04 27.71
C PHE A 35 -26.60 7.19 28.64
N TYR A 36 -26.38 7.76 29.83
CA TYR A 36 -27.47 7.93 30.79
C TYR A 36 -28.59 8.82 30.29
N GLU A 37 -28.33 9.68 29.30
CA GLU A 37 -29.33 10.60 28.78
C GLU A 37 -30.24 9.99 27.73
N LEU A 38 -29.90 8.83 27.17
CA LEU A 38 -30.72 8.23 26.14
C LEU A 38 -32.08 7.82 26.70
N PRO A 39 -33.16 8.04 25.96
CA PRO A 39 -34.49 7.59 26.40
C PRO A 39 -34.55 6.08 26.58
N GLU A 40 -35.68 5.65 27.11
CA GLU A 40 -35.97 4.22 27.27
C GLU A 40 -36.12 3.58 25.90
N ALA A 41 -35.74 2.30 25.82
CA ALA A 41 -35.84 1.57 24.56
C ALA A 41 -37.25 1.64 23.99
N GLY A 42 -37.33 1.67 22.66
CA GLY A 42 -38.56 1.81 21.93
C GLY A 42 -38.95 3.25 21.63
N GLN A 43 -38.35 4.22 22.33
CA GLN A 43 -38.56 5.62 22.06
C GLN A 43 -37.61 6.13 20.97
N GLU A 44 -38.01 7.23 20.35
CA GLU A 44 -37.18 7.89 19.34
C GLU A 44 -36.09 8.72 20.00
N ALA A 45 -34.93 8.78 19.35
CA ALA A 45 -33.80 9.55 19.83
C ALA A 45 -33.05 10.17 18.66
N ILE A 46 -32.24 11.19 18.97
CA ILE A 46 -31.44 11.90 17.98
C ILE A 46 -30.01 11.90 18.47
N VAL A 47 -29.07 11.61 17.59
CA VAL A 47 -27.66 11.59 17.93
C VAL A 47 -26.82 12.19 16.81
N PHE A 48 -25.87 13.03 17.17
CA PHE A 48 -24.93 13.62 16.22
C PHE A 48 -23.78 12.64 16.06
N THR A 49 -23.30 12.46 14.83
CA THR A 49 -22.31 11.43 14.56
C THR A 49 -21.14 11.95 13.74
N HIS A 50 -20.08 11.14 13.77
CA HIS A 50 -18.86 11.31 13.02
C HIS A 50 -18.54 9.95 12.45
N PHE A 51 -18.15 9.92 11.18
CA PHE A 51 -17.93 8.66 10.47
C PHE A 51 -16.43 8.47 10.27
N VAL A 52 -15.92 7.33 10.73
CA VAL A 52 -14.50 6.99 10.65
C VAL A 52 -14.34 5.84 9.68
N VAL A 53 -13.40 5.99 8.74
CA VAL A 53 -13.14 4.97 7.73
C VAL A 53 -11.66 4.60 7.80
N ARG A 54 -11.39 3.29 7.77
CA ARG A 54 -10.04 2.76 7.79
C ARG A 54 -9.96 1.63 6.76
N GLU A 55 -8.72 1.25 6.42
CA GLU A 55 -8.53 0.20 5.42
C GLU A 55 -9.25 -1.10 5.78
N ASP A 56 -9.29 -1.45 7.07
CA ASP A 56 -9.94 -2.68 7.49
C ASP A 56 -11.28 -2.52 8.20
N ALA A 57 -11.72 -1.30 8.49
CA ALA A 57 -12.96 -1.18 9.25
C ALA A 57 -13.60 0.18 9.03
N GLN A 58 -14.91 0.22 9.27
CA GLN A 58 -15.72 1.43 9.28
C GLN A 58 -16.43 1.49 10.62
N LEU A 59 -16.48 2.69 11.22
CA LEU A 59 -17.08 2.84 12.53
C LEU A 59 -17.84 4.16 12.58
N LEU A 60 -18.87 4.19 13.43
CA LEU A 60 -19.74 5.34 13.58
C LEU A 60 -19.83 5.69 15.05
N TYR A 61 -19.46 6.93 15.39
CA TYR A 61 -19.47 7.44 16.75
C TYR A 61 -20.59 8.46 16.91
N GLY A 62 -21.19 8.51 18.09
CA GLY A 62 -22.31 9.40 18.33
C GLY A 62 -22.18 10.16 19.64
N PHE A 63 -22.80 11.33 19.66
CA PHE A 63 -22.75 12.25 20.79
C PHE A 63 -24.09 12.94 20.93
N ASN A 64 -24.43 13.32 22.16
CA ASN A 64 -25.71 13.97 22.42
C ASN A 64 -25.73 15.45 22.09
N ASN A 65 -24.58 16.11 22.03
CA ASN A 65 -24.52 17.53 21.78
C ASN A 65 -23.39 17.89 20.82
N LYS A 66 -23.66 18.87 19.97
CA LYS A 66 -22.65 19.32 19.00
C LYS A 66 -21.35 19.71 19.66
N GLN A 67 -21.41 20.23 20.89
CA GLN A 67 -20.18 20.60 21.59
C GLN A 67 -19.27 19.40 21.75
N GLU A 68 -19.83 18.28 22.19
CA GLU A 68 -19.04 17.06 22.36
C GLU A 68 -18.38 16.63 21.06
N ARG A 69 -19.16 16.57 19.98
CA ARG A 69 -18.60 16.16 18.69
C ARG A 69 -17.45 17.06 18.27
N THR A 70 -17.56 18.36 18.48
CA THR A 70 -16.49 19.26 18.08
C THR A 70 -15.20 18.95 18.84
N LEU A 71 -15.28 18.78 20.16
CA LEU A 71 -14.08 18.46 20.92
C LEU A 71 -13.51 17.10 20.52
N PHE A 72 -14.37 16.11 20.28
CA PHE A 72 -13.89 14.80 19.84
C PHE A 72 -13.07 14.89 18.58
N LYS A 73 -13.58 15.59 17.57
CA LYS A 73 -12.87 15.74 16.31
C LYS A 73 -11.51 16.39 16.51
N GLU A 74 -11.42 17.37 17.40
CA GLU A 74 -10.14 18.03 17.68
C GLU A 74 -9.17 17.08 18.37
N LEU A 75 -9.65 16.28 19.32
CA LEU A 75 -8.78 15.36 20.04
C LEU A 75 -8.12 14.35 19.11
N ILE A 76 -8.92 13.68 18.27
CA ILE A 76 -8.38 12.63 17.42
C ILE A 76 -7.33 13.14 16.43
N LYS A 77 -7.22 14.46 16.21
CA LYS A 77 -6.14 14.95 15.35
C LYS A 77 -4.81 14.97 16.08
N THR A 78 -4.81 14.92 17.41
CA THR A 78 -3.57 14.92 18.15
C THR A 78 -2.88 13.57 18.00
N ASN A 79 -1.60 13.61 17.64
CA ASN A 79 -0.86 12.36 17.46
C ASN A 79 -0.85 11.55 18.75
N GLY A 80 -1.03 10.24 18.60
CA GLY A 80 -1.06 9.32 19.71
C GLY A 80 -2.39 9.20 20.42
N VAL A 81 -3.38 10.01 20.07
CA VAL A 81 -4.71 9.94 20.67
C VAL A 81 -5.65 9.37 19.63
N GLY A 82 -6.21 8.20 19.91
CA GLY A 82 -7.13 7.54 19.03
C GLY A 82 -8.56 7.59 19.56
N PRO A 83 -9.52 7.16 18.73
CA PRO A 83 -10.92 7.22 19.16
C PRO A 83 -11.20 6.55 20.49
N LYS A 84 -10.53 5.45 20.80
CA LYS A 84 -10.75 4.78 22.08
C LYS A 84 -10.38 5.68 23.24
N LEU A 85 -9.18 6.24 23.22
CA LEU A 85 -8.75 7.14 24.28
C LEU A 85 -9.60 8.40 24.32
N ALA A 86 -9.99 8.92 23.16
CA ALA A 86 -10.83 10.11 23.11
C ALA A 86 -12.16 9.91 23.83
N LEU A 87 -12.79 8.76 23.65
CA LEU A 87 -14.03 8.49 24.39
C LEU A 87 -13.79 8.42 25.89
N ALA A 88 -12.63 7.91 26.32
CA ALA A 88 -12.33 7.86 27.75
C ALA A 88 -12.30 9.26 28.35
N ILE A 89 -11.62 10.19 27.69
CA ILE A 89 -11.56 11.56 28.19
C ILE A 89 -12.96 12.14 28.32
N LEU A 90 -13.78 12.04 27.27
CA LEU A 90 -15.13 12.59 27.36
C LEU A 90 -15.96 11.90 28.42
N SER A 91 -15.56 10.70 28.85
CA SER A 91 -16.30 10.03 29.91
C SER A 91 -15.92 10.60 31.27
N GLY A 92 -14.63 10.88 31.46
CA GLY A 92 -14.18 11.42 32.73
C GLY A 92 -14.55 12.86 33.00
N MET A 93 -14.39 13.72 32.00
CA MET A 93 -14.62 15.15 32.17
C MET A 93 -15.57 15.73 31.14
N SER A 94 -16.33 16.73 31.55
CA SER A 94 -17.16 17.48 30.62
C SER A 94 -16.30 18.35 29.73
N ALA A 95 -16.84 18.70 28.57
CA ALA A 95 -16.08 19.51 27.63
C ALA A 95 -15.59 20.81 28.25
N GLN A 96 -16.45 21.48 29.03
CA GLN A 96 -16.05 22.74 29.66
C GLN A 96 -14.93 22.54 30.68
N GLN A 97 -15.01 21.49 31.50
CA GLN A 97 -13.96 21.23 32.48
C GLN A 97 -12.62 20.95 31.82
N PHE A 98 -12.62 20.21 30.71
CA PHE A 98 -11.37 19.93 30.00
C PHE A 98 -10.68 21.19 29.53
N VAL A 99 -11.42 22.11 28.90
CA VAL A 99 -10.83 23.36 28.44
C VAL A 99 -10.16 24.10 29.60
N ASN A 100 -10.86 24.24 30.72
CA ASN A 100 -10.28 24.93 31.87
C ASN A 100 -8.98 24.27 32.33
N ALA A 101 -8.98 22.94 32.45
CA ALA A 101 -7.80 22.22 32.89
C ALA A 101 -6.60 22.43 31.97
N VAL A 102 -6.80 22.42 30.66
CA VAL A 102 -5.69 22.63 29.75
C VAL A 102 -5.12 24.04 29.89
N GLU A 103 -5.98 25.05 29.89
CA GLU A 103 -5.50 26.42 30.01
C GLU A 103 -4.74 26.64 31.31
N ARG A 104 -5.17 25.98 32.39
CA ARG A 104 -4.50 26.09 33.68
C ARG A 104 -3.33 25.12 33.83
N GLU A 105 -3.19 24.15 32.92
CA GLU A 105 -2.14 23.14 33.01
C GLU A 105 -2.26 22.27 34.27
N GLU A 106 -3.49 21.98 34.68
CA GLU A 106 -3.71 21.15 35.85
C GLU A 106 -3.39 19.70 35.51
N LEU A 107 -2.10 19.39 35.38
CA LEU A 107 -1.66 18.05 34.99
C LEU A 107 -2.36 16.97 35.81
N GLY A 108 -2.49 17.17 37.12
CA GLY A 108 -3.14 16.18 37.96
C GLY A 108 -4.60 15.92 37.60
N ALA A 109 -5.30 16.93 37.11
CA ALA A 109 -6.69 16.75 36.73
C ALA A 109 -6.86 15.77 35.58
N LEU A 110 -5.86 15.66 34.71
CA LEU A 110 -5.88 14.72 33.59
C LEU A 110 -5.33 13.35 33.94
N VAL A 111 -4.19 13.31 34.64
CA VAL A 111 -3.54 12.03 34.94
C VAL A 111 -4.45 11.11 35.75
N LYS A 112 -5.37 11.65 36.55
CA LYS A 112 -6.27 10.80 37.31
C LYS A 112 -7.23 10.00 36.42
N LEU A 113 -7.44 10.40 35.18
CA LEU A 113 -8.37 9.63 34.35
C LEU A 113 -7.75 8.29 33.95
N PRO A 114 -8.58 7.26 33.76
CA PRO A 114 -8.06 5.95 33.35
C PRO A 114 -7.34 5.98 32.01
N GLY A 115 -6.25 5.22 31.92
CA GLY A 115 -5.51 5.09 30.69
C GLY A 115 -4.62 6.24 30.28
N ILE A 116 -4.57 7.33 31.04
CA ILE A 116 -3.76 8.49 30.67
C ILE A 116 -2.49 8.49 31.52
N GLY A 117 -1.34 8.49 30.83
CA GLY A 117 -0.05 8.56 31.50
C GLY A 117 0.46 9.99 31.62
N LYS A 118 1.48 10.16 32.47
CA LYS A 118 2.04 11.49 32.67
C LYS A 118 2.52 12.09 31.36
N LYS A 119 3.26 11.31 30.57
CA LYS A 119 3.70 11.79 29.27
C LYS A 119 2.53 12.19 28.39
N THR A 120 1.48 11.38 28.36
CA THR A 120 0.30 11.69 27.55
C THR A 120 -0.33 13.02 27.94
N ALA A 121 -0.50 13.25 29.25
CA ALA A 121 -1.11 14.50 29.70
C ALA A 121 -0.25 15.70 29.32
N GLU A 122 1.07 15.58 29.47
CA GLU A 122 1.95 16.67 29.05
C GLU A 122 1.78 16.98 27.57
N ARG A 123 1.77 15.93 26.74
CA ARG A 123 1.59 16.09 25.30
C ARG A 123 0.27 16.77 24.96
N LEU A 124 -0.81 16.37 25.63
CA LEU A 124 -2.12 16.97 25.38
C LEU A 124 -2.13 18.48 25.64
N ILE A 125 -1.61 18.90 26.79
CA ILE A 125 -1.59 20.32 27.14
C ILE A 125 -0.78 21.11 26.10
N VAL A 126 0.39 20.60 25.76
CA VAL A 126 1.27 21.29 24.81
C VAL A 126 0.56 21.48 23.47
N GLU A 127 -0.13 20.45 22.98
CA GLU A 127 -0.81 20.57 21.69
C GLU A 127 -2.14 21.32 21.76
N MET A 128 -2.98 20.99 22.74
CA MET A 128 -4.32 21.59 22.78
C MET A 128 -4.33 23.05 23.19
N LYS A 129 -3.41 23.49 24.04
CA LYS A 129 -3.43 24.87 24.52
C LYS A 129 -3.43 25.89 23.40
N ASP A 130 -2.83 25.57 22.26
CA ASP A 130 -2.78 26.48 21.13
C ASP A 130 -4.04 26.52 20.27
N ARG A 131 -4.93 25.53 20.35
CA ARG A 131 -6.06 25.54 19.44
C ARG A 131 -7.28 26.31 19.95
N PHE A 132 -7.56 26.29 21.25
CA PHE A 132 -8.74 27.01 21.71
C PHE A 132 -8.58 28.52 21.57
N LYS A 133 -7.36 29.03 21.73
CA LYS A 133 -7.10 30.46 21.58
C LYS A 133 -8.06 31.29 22.42
N VAL B 1 -22.90 4.86 -5.91
CA VAL B 1 -22.56 6.28 -6.19
C VAL B 1 -23.83 7.13 -6.13
N ILE B 2 -23.86 8.08 -5.21
CA ILE B 2 -25.01 8.97 -5.07
C ILE B 2 -24.91 10.08 -6.11
N GLY B 3 -25.91 10.16 -6.97
CA GLY B 3 -25.95 11.17 -8.01
C GLY B 3 -26.81 12.39 -7.70
N ARG B 4 -27.85 12.23 -6.89
CA ARG B 4 -28.71 13.34 -6.53
C ARG B 4 -29.32 13.10 -5.16
N LEU B 5 -29.51 14.17 -4.39
CA LEU B 5 -30.18 14.09 -3.10
C LEU B 5 -31.37 15.04 -3.06
N ARG B 6 -32.48 14.56 -2.52
CA ARG B 6 -33.68 15.36 -2.32
C ARG B 6 -34.12 15.19 -0.87
N GLY B 7 -34.25 16.30 -0.14
CA GLY B 7 -34.60 16.17 1.26
C GLY B 7 -34.86 17.51 1.91
N ILE B 8 -35.00 17.47 3.23
CA ILE B 8 -35.31 18.65 4.03
C ILE B 8 -34.02 19.26 4.57
N ILE B 9 -33.90 20.57 4.44
CA ILE B 9 -32.75 21.29 4.97
C ILE B 9 -32.87 21.40 6.48
N LEU B 10 -31.90 20.83 7.19
CA LEU B 10 -31.86 20.87 8.65
C LEU B 10 -31.03 22.04 9.16
N GLU B 11 -29.83 22.22 8.62
CA GLU B 11 -28.94 23.27 9.08
C GLU B 11 -28.14 23.83 7.91
N LYS B 12 -27.80 25.12 8.00
CA LYS B 12 -27.02 25.80 6.98
C LYS B 12 -25.86 26.50 7.68
N GLN B 13 -24.65 25.99 7.48
CA GLN B 13 -23.45 26.57 8.09
C GLN B 13 -22.34 26.54 7.06
N PRO B 14 -22.27 27.57 6.22
CA PRO B 14 -21.28 27.57 5.12
C PRO B 14 -19.91 27.14 5.60
N PRO B 15 -19.21 26.28 4.84
CA PRO B 15 -19.60 25.71 3.55
C PRO B 15 -20.42 24.42 3.59
N ILE B 16 -20.88 23.99 4.75
CA ILE B 16 -21.58 22.71 4.88
C ILE B 16 -23.08 22.92 5.06
N VAL B 17 -23.87 22.10 4.36
CA VAL B 17 -25.31 22.06 4.50
C VAL B 17 -25.67 20.64 4.92
N LEU B 18 -26.71 20.51 5.74
CA LEU B 18 -27.17 19.20 6.21
C LEU B 18 -28.57 18.92 5.67
N LEU B 19 -28.71 17.84 4.89
CA LEU B 19 -29.99 17.40 4.33
C LEU B 19 -30.41 16.10 4.98
N GLU B 20 -31.66 16.01 5.42
CA GLU B 20 -32.19 14.79 6.01
C GLU B 20 -33.08 14.04 5.03
N THR B 21 -32.83 12.74 4.88
CA THR B 21 -33.65 11.86 4.07
C THR B 21 -33.95 10.61 4.90
N GLY B 22 -35.21 10.40 5.23
CA GLY B 22 -35.57 9.19 5.96
C GLY B 22 -34.80 8.99 7.25
N GLY B 23 -34.52 10.06 7.97
CA GLY B 23 -33.81 9.97 9.22
C GLY B 23 -32.29 9.93 9.15
N VAL B 24 -31.72 9.93 7.95
CA VAL B 24 -30.28 9.98 7.78
C VAL B 24 -29.91 11.37 7.28
N GLY B 25 -28.97 12.02 7.97
CA GLY B 25 -28.53 13.35 7.62
C GLY B 25 -27.19 13.29 6.91
N TYR B 26 -27.15 13.89 5.72
CA TYR B 26 -25.95 13.88 4.89
C TYR B 26 -25.26 15.23 4.92
N GLU B 27 -23.96 15.21 5.19
CA GLU B 27 -23.11 16.39 5.15
C GLU B 27 -22.74 16.67 3.70
N VAL B 28 -23.03 17.88 3.21
CA VAL B 28 -22.72 18.26 1.83
C VAL B 28 -21.92 19.54 1.79
N HIS B 29 -20.87 19.56 0.97
CA HIS B 29 -20.01 20.72 0.77
C HIS B 29 -20.47 21.43 -0.50
N MET B 30 -20.58 22.76 -0.45
CA MET B 30 -21.09 23.49 -1.60
C MET B 30 -20.32 24.79 -1.82
N PRO B 31 -20.30 25.29 -3.05
CA PRO B 31 -19.68 26.59 -3.33
C PRO B 31 -20.29 27.73 -2.51
N MET B 32 -19.43 28.63 -2.04
CA MET B 32 -19.90 29.73 -1.21
C MET B 32 -20.97 30.56 -1.92
N THR B 33 -20.80 30.83 -3.21
CA THR B 33 -21.75 31.68 -3.93
C THR B 33 -23.04 30.97 -4.33
N CYS B 34 -23.06 29.65 -4.40
CA CYS B 34 -24.31 28.96 -4.73
C CYS B 34 -25.16 28.80 -3.48
N PHE B 35 -24.55 28.94 -2.31
CA PHE B 35 -25.24 28.79 -1.04
C PHE B 35 -26.39 29.78 -0.90
N TYR B 36 -26.30 30.93 -1.56
CA TYR B 36 -27.36 31.93 -1.47
C TYR B 36 -28.67 31.47 -2.09
N GLU B 37 -28.65 30.50 -3.01
CA GLU B 37 -29.87 30.04 -3.65
C GLU B 37 -30.65 29.00 -2.85
N LEU B 38 -30.04 28.41 -1.82
CA LEU B 38 -30.74 27.40 -1.05
C LEU B 38 -31.94 28.00 -0.32
N PRO B 39 -33.08 27.32 -0.32
CA PRO B 39 -34.24 27.82 0.43
C PRO B 39 -33.95 27.96 1.91
N GLU B 40 -34.92 28.55 2.61
CA GLU B 40 -34.86 28.67 4.06
C GLU B 40 -34.93 27.29 4.69
N ALA B 41 -34.28 27.15 5.85
CA ALA B 41 -34.27 25.86 6.53
C ALA B 41 -35.69 25.36 6.78
N GLY B 42 -35.83 24.04 6.74
CA GLY B 42 -37.09 23.36 6.86
C GLY B 42 -37.80 23.10 5.56
N GLN B 43 -37.40 23.77 4.48
CA GLN B 43 -37.95 23.54 3.15
C GLN B 43 -37.19 22.42 2.43
N GLU B 44 -37.84 21.84 1.44
CA GLU B 44 -37.22 20.83 0.60
C GLU B 44 -36.30 21.47 -0.44
N ALA B 45 -35.22 20.76 -0.77
CA ALA B 45 -34.27 21.23 -1.77
C ALA B 45 -33.74 20.05 -2.56
N ILE B 46 -33.13 20.35 -3.71
CA ILE B 46 -32.54 19.35 -4.59
C ILE B 46 -31.11 19.78 -4.89
N VAL B 47 -30.18 18.84 -4.81
CA VAL B 47 -28.78 19.15 -5.10
C VAL B 47 -28.14 18.00 -5.87
N PHE B 48 -27.41 18.34 -6.93
CA PHE B 48 -26.67 17.35 -7.69
C PHE B 48 -25.34 17.14 -6.99
N THR B 49 -24.87 15.90 -6.95
CA THR B 49 -23.67 15.58 -6.17
C THR B 49 -22.67 14.74 -6.95
N HIS B 50 -21.47 14.73 -6.40
CA HIS B 50 -20.34 13.93 -6.85
C HIS B 50 -19.75 13.32 -5.59
N PHE B 51 -19.46 12.03 -5.63
CA PHE B 51 -19.01 11.30 -4.46
C PHE B 51 -17.52 11.00 -4.60
N VAL B 52 -16.74 11.44 -3.63
CA VAL B 52 -15.29 11.30 -3.61
C VAL B 52 -14.90 10.30 -2.54
N VAL B 53 -14.05 9.35 -2.88
CA VAL B 53 -13.59 8.33 -1.95
C VAL B 53 -12.07 8.35 -1.91
N ARG B 54 -11.51 8.31 -0.69
CA ARG B 54 -10.08 8.27 -0.49
C ARG B 54 -9.78 7.25 0.60
N GLU B 55 -8.50 6.86 0.70
CA GLU B 55 -8.11 5.83 1.65
C GLU B 55 -8.55 6.16 3.09
N ASP B 56 -8.49 7.42 3.49
CA ASP B 56 -8.86 7.80 4.85
C ASP B 56 -10.15 8.59 4.97
N ALA B 57 -10.81 8.93 3.87
CA ALA B 57 -12.00 9.77 4.00
C ALA B 57 -12.94 9.59 2.83
N GLN B 58 -14.22 9.88 3.09
CA GLN B 58 -15.28 9.91 2.10
C GLN B 58 -15.95 11.26 2.20
N LEU B 59 -16.24 11.88 1.06
CA LEU B 59 -16.81 13.22 1.04
C LEU B 59 -17.84 13.32 -0.06
N LEU B 60 -18.79 14.23 0.12
CA LEU B 60 -19.89 14.42 -0.83
C LEU B 60 -20.01 15.90 -1.14
N TYR B 61 -19.85 16.25 -2.41
CA TYR B 61 -19.95 17.62 -2.89
C TYR B 61 -21.26 17.83 -3.63
N GLY B 62 -21.83 19.02 -3.49
CA GLY B 62 -23.11 19.33 -4.09
C GLY B 62 -23.09 20.63 -4.88
N PHE B 63 -23.95 20.68 -5.89
CA PHE B 63 -24.05 21.82 -6.80
C PHE B 63 -25.51 22.02 -7.17
N ASN B 64 -25.87 23.27 -7.47
CA ASN B 64 -27.25 23.59 -7.82
C ASN B 64 -27.60 23.29 -9.27
N ASN B 65 -26.61 23.12 -10.14
CA ASN B 65 -26.89 22.91 -11.56
C ASN B 65 -25.89 21.94 -12.17
N LYS B 66 -26.39 21.14 -13.11
CA LYS B 66 -25.54 20.15 -13.77
C LYS B 66 -24.33 20.78 -14.43
N GLN B 67 -24.44 22.03 -14.90
CA GLN B 67 -23.30 22.70 -15.50
C GLN B 67 -22.15 22.79 -14.50
N GLU B 68 -22.45 23.23 -13.28
CA GLU B 68 -21.42 23.35 -12.25
C GLU B 68 -20.74 22.01 -11.99
N ARG B 69 -21.52 20.95 -11.81
CA ARG B 69 -20.94 19.64 -11.54
C ARG B 69 -20.02 19.20 -12.67
N THR B 70 -20.41 19.44 -13.91
CA THR B 70 -19.57 19.03 -15.03
C THR B 70 -18.22 19.72 -15.00
N LEU B 71 -18.21 21.04 -14.82
CA LEU B 71 -16.95 21.77 -14.76
C LEU B 71 -16.11 21.33 -13.57
N PHE B 72 -16.74 21.09 -12.42
CA PHE B 72 -16.00 20.61 -11.24
C PHE B 72 -15.27 19.31 -11.53
N LYS B 73 -15.96 18.34 -12.12
CA LYS B 73 -15.36 17.05 -12.43
C LYS B 73 -14.16 17.21 -13.35
N GLU B 74 -14.26 18.12 -14.33
CA GLU B 74 -13.14 18.36 -15.24
C GLU B 74 -11.95 19.01 -14.53
N LEU B 75 -12.22 19.96 -13.64
CA LEU B 75 -11.13 20.63 -12.92
C LEU B 75 -10.31 19.66 -12.08
N ILE B 76 -10.98 18.82 -11.27
CA ILE B 76 -10.25 17.92 -10.39
C ILE B 76 -9.38 16.91 -11.12
N LYS B 77 -9.59 16.71 -12.42
CA LYS B 77 -8.70 15.82 -13.15
C LYS B 77 -7.37 16.48 -13.48
N THR B 78 -7.28 17.80 -13.38
CA THR B 78 -6.03 18.49 -13.65
C THR B 78 -5.07 18.29 -12.49
N ASN B 79 -3.83 17.94 -12.81
CA ASN B 79 -2.83 17.72 -11.77
C ASN B 79 -2.62 18.99 -10.95
N GLY B 80 -2.47 18.80 -9.64
CA GLY B 80 -2.24 19.91 -8.74
C GLY B 80 -3.46 20.73 -8.39
N VAL B 81 -4.66 20.21 -8.66
CA VAL B 81 -5.91 20.89 -8.33
C VAL B 81 -6.78 19.88 -7.62
N GLY B 82 -7.18 20.18 -6.39
CA GLY B 82 -8.04 19.31 -5.63
C GLY B 82 -9.37 19.94 -5.32
N PRO B 83 -10.24 19.19 -4.66
CA PRO B 83 -11.60 19.71 -4.39
C PRO B 83 -11.63 21.05 -3.69
N LYS B 84 -10.71 21.29 -2.76
CA LYS B 84 -10.70 22.57 -2.04
C LYS B 84 -10.45 23.74 -2.99
N LEU B 85 -9.41 23.64 -3.81
CA LEU B 85 -9.12 24.69 -4.78
C LEU B 85 -10.20 24.81 -5.83
N ALA B 86 -10.76 23.68 -6.28
CA ALA B 86 -11.81 23.70 -7.28
C ALA B 86 -13.04 24.47 -6.80
N LEU B 87 -13.43 24.28 -5.54
CA LEU B 87 -14.56 25.04 -5.02
C LEU B 87 -14.28 26.54 -4.99
N ALA B 88 -13.03 26.93 -4.79
CA ALA B 88 -12.69 28.35 -4.80
C ALA B 88 -12.95 28.96 -6.16
N ILE B 89 -12.49 28.29 -7.22
CA ILE B 89 -12.72 28.80 -8.57
C ILE B 89 -14.20 28.99 -8.82
N LEU B 90 -15.01 27.97 -8.54
CA LEU B 90 -16.44 28.10 -8.76
C LEU B 90 -17.07 29.17 -7.89
N SER B 91 -16.43 29.56 -6.78
CA SER B 91 -16.97 30.63 -5.97
C SER B 91 -16.69 31.99 -6.60
N GLY B 92 -15.51 32.15 -7.19
CA GLY B 92 -15.11 33.39 -7.81
C GLY B 92 -15.74 33.72 -9.15
N MET B 93 -15.85 32.74 -10.04
CA MET B 93 -16.37 32.97 -11.38
C MET B 93 -17.50 32.02 -11.74
N SER B 94 -18.42 32.50 -12.55
CA SER B 94 -19.44 31.62 -13.12
C SER B 94 -18.79 30.69 -14.13
N ALA B 95 -19.43 29.55 -14.36
CA ALA B 95 -18.89 28.58 -15.30
C ALA B 95 -18.65 29.19 -16.68
N GLN B 96 -19.62 29.98 -17.17
CA GLN B 96 -19.45 30.60 -18.49
C GLN B 96 -18.30 31.58 -18.53
N GLN B 97 -18.12 32.39 -17.49
CA GLN B 97 -17.01 33.34 -17.44
C GLN B 97 -15.66 32.63 -17.47
N PHE B 98 -15.54 31.51 -16.76
CA PHE B 98 -14.29 30.75 -16.74
C PHE B 98 -13.90 30.27 -18.14
N VAL B 99 -14.86 29.68 -18.86
CA VAL B 99 -14.57 29.22 -20.22
C VAL B 99 -14.03 30.36 -21.08
N ASN B 100 -14.69 31.51 -21.04
CA ASN B 100 -14.23 32.65 -21.82
C ASN B 100 -12.79 33.05 -21.46
N ALA B 101 -12.49 33.13 -20.17
CA ALA B 101 -11.15 33.51 -19.72
C ALA B 101 -10.07 32.55 -20.20
N VAL B 102 -10.34 31.25 -20.16
CA VAL B 102 -9.33 30.28 -20.61
C VAL B 102 -9.09 30.43 -22.11
N GLU B 103 -10.16 30.47 -22.91
CA GLU B 103 -9.98 30.58 -24.35
C GLU B 103 -9.26 31.87 -24.73
N ARG B 104 -9.48 32.94 -23.98
CA ARG B 104 -8.80 34.21 -24.25
C ARG B 104 -7.46 34.34 -23.53
N GLU B 105 -7.12 33.42 -22.63
CA GLU B 105 -5.89 33.48 -21.85
C GLU B 105 -5.81 34.74 -20.99
N GLU B 106 -6.94 35.16 -20.42
CA GLU B 106 -7.00 36.33 -19.55
C GLU B 106 -6.40 35.96 -18.20
N LEU B 107 -5.07 35.83 -18.21
CA LEU B 107 -4.33 35.40 -17.01
C LEU B 107 -4.73 36.22 -15.79
N GLY B 108 -4.87 37.53 -15.95
CA GLY B 108 -5.23 38.37 -14.82
C GLY B 108 -6.59 38.06 -14.23
N ALA B 109 -7.55 37.62 -15.06
CA ALA B 109 -8.87 37.29 -14.56
C ALA B 109 -8.83 36.12 -13.59
N LEU B 110 -7.88 35.21 -13.74
CA LEU B 110 -7.71 34.07 -12.86
C LEU B 110 -6.84 34.35 -11.65
N VAL B 111 -5.69 35.00 -11.85
CA VAL B 111 -4.75 35.25 -10.76
C VAL B 111 -5.38 36.05 -9.63
N LYS B 112 -6.36 36.90 -9.92
CA LYS B 112 -6.99 37.66 -8.85
C LYS B 112 -7.79 36.79 -7.88
N LEU B 113 -8.15 35.57 -8.26
CA LEU B 113 -8.92 34.74 -7.33
C LEU B 113 -8.05 34.31 -6.15
N PRO B 114 -8.64 34.18 -4.97
CA PRO B 114 -7.86 33.74 -3.80
C PRO B 114 -7.25 32.37 -3.97
N GLY B 115 -6.02 32.20 -3.48
CA GLY B 115 -5.32 30.94 -3.52
C GLY B 115 -4.73 30.51 -4.84
N ILE B 116 -4.86 31.30 -5.90
CA ILE B 116 -4.34 30.93 -7.21
C ILE B 116 -3.10 31.77 -7.50
N GLY B 117 -1.98 31.09 -7.75
CA GLY B 117 -0.74 31.74 -8.10
C GLY B 117 -0.53 31.83 -9.61
N LYS B 118 0.44 32.65 -10.00
CA LYS B 118 0.73 32.85 -11.41
C LYS B 118 1.00 31.52 -12.11
N LYS B 119 1.89 30.70 -11.53
CA LYS B 119 2.17 29.39 -12.12
C LYS B 119 0.90 28.55 -12.24
N THR B 120 0.05 28.55 -11.22
CA THR B 120 -1.19 27.78 -11.26
C THR B 120 -2.08 28.20 -12.42
N ALA B 121 -2.26 29.50 -12.61
CA ALA B 121 -3.10 29.98 -13.72
C ALA B 121 -2.52 29.58 -15.06
N GLU B 122 -1.20 29.68 -15.22
CA GLU B 122 -0.59 29.25 -16.47
C GLU B 122 -0.89 27.78 -16.75
N ARG B 123 -0.69 26.94 -15.74
CA ARG B 123 -0.96 25.51 -15.87
C ARG B 123 -2.42 25.24 -16.24
N LEU B 124 -3.36 25.92 -15.60
CA LEU B 124 -4.78 25.74 -15.90
C LEU B 124 -5.10 26.03 -17.36
N ILE B 125 -4.64 27.16 -17.87
CA ILE B 125 -4.92 27.52 -19.26
C ILE B 125 -4.37 26.47 -20.21
N VAL B 126 -3.11 26.08 -20.00
CA VAL B 126 -2.47 25.10 -20.87
C VAL B 126 -3.27 23.79 -20.93
N GLU B 127 -3.74 23.30 -19.78
CA GLU B 127 -4.48 22.05 -19.75
C GLU B 127 -5.94 22.19 -20.19
N MET B 128 -6.65 23.19 -19.67
CA MET B 128 -8.09 23.28 -19.95
C MET B 128 -8.41 23.74 -21.37
N LYS B 129 -7.57 24.56 -21.99
CA LYS B 129 -7.89 25.08 -23.32
C LYS B 129 -8.14 23.97 -24.33
N ASP B 130 -7.47 22.82 -24.18
CA ASP B 130 -7.64 21.71 -25.10
C ASP B 130 -8.90 20.86 -24.86
N ARG B 131 -9.56 20.95 -23.71
CA ARG B 131 -10.69 20.06 -23.47
C ARG B 131 -12.04 20.60 -23.93
N PHE B 132 -12.28 21.91 -23.83
CA PHE B 132 -13.57 22.41 -24.30
C PHE B 132 -13.73 22.31 -25.81
N LYS B 133 -12.64 22.47 -26.55
CA LYS B 133 -12.70 22.34 -28.01
C LYS B 133 -13.77 23.24 -28.60
N VAL C 1 -23.60 -4.97 0.18
CA VAL C 1 -23.60 -5.25 -1.28
C VAL C 1 -25.02 -5.13 -1.82
N ILE C 2 -25.23 -4.18 -2.72
CA ILE C 2 -26.54 -3.97 -3.33
C ILE C 2 -26.73 -5.01 -4.44
N GLY C 3 -27.75 -5.84 -4.30
CA GLY C 3 -28.07 -6.85 -5.28
C GLY C 3 -29.15 -6.48 -6.27
N ARG C 4 -30.09 -5.63 -5.89
CA ARG C 4 -31.16 -5.22 -6.78
C ARG C 4 -31.64 -3.83 -6.40
N LEU C 5 -32.05 -3.05 -7.39
CA LEU C 5 -32.65 -1.74 -7.16
C LEU C 5 -34.00 -1.64 -7.82
N ARG C 6 -34.95 -1.04 -7.12
CA ARG C 6 -36.29 -0.78 -7.62
C ARG C 6 -36.63 0.67 -7.34
N GLY C 7 -37.02 1.42 -8.38
CA GLY C 7 -37.29 2.83 -8.17
C GLY C 7 -37.79 3.50 -9.43
N ILE C 8 -37.88 4.83 -9.34
CA ILE C 8 -38.39 5.66 -10.43
C ILE C 8 -37.23 6.14 -11.30
N ILE C 9 -37.39 6.04 -12.62
CA ILE C 9 -36.39 6.55 -13.54
C ILE C 9 -36.49 8.07 -13.59
N LEU C 10 -35.38 8.73 -13.27
CA LEU C 10 -35.30 10.18 -13.31
C LEU C 10 -34.74 10.69 -14.63
N GLU C 11 -33.62 10.13 -15.07
CA GLU C 11 -32.98 10.57 -16.29
C GLU C 11 -32.34 9.40 -17.00
N LYS C 12 -32.34 9.46 -18.33
CA LYS C 12 -31.72 8.45 -19.18
C LYS C 12 -30.72 9.14 -20.10
N GLN C 13 -29.44 8.83 -19.93
CA GLN C 13 -28.37 9.42 -20.74
C GLN C 13 -27.32 8.35 -20.97
N PRO C 14 -27.50 7.51 -21.99
CA PRO C 14 -26.59 6.38 -22.21
C PRO C 14 -25.14 6.81 -22.08
N PRO C 15 -24.31 6.01 -21.41
CA PRO C 15 -24.61 4.72 -20.78
C PRO C 15 -25.13 4.76 -19.34
N ILE C 16 -25.43 5.94 -18.81
CA ILE C 16 -25.84 6.07 -17.40
C ILE C 16 -27.34 6.28 -17.28
N VAL C 17 -27.94 5.62 -16.29
CA VAL C 17 -29.35 5.81 -15.94
C VAL C 17 -29.37 6.22 -14.47
N LEU C 18 -30.32 7.08 -14.11
CA LEU C 18 -30.46 7.55 -12.74
C LEU C 18 -31.79 7.07 -12.15
N LEU C 19 -31.71 6.27 -11.08
CA LEU C 19 -32.87 5.73 -10.38
C LEU C 19 -32.98 6.37 -9.00
N GLU C 20 -34.16 6.86 -8.64
CA GLU C 20 -34.39 7.44 -7.33
C GLU C 20 -35.13 6.49 -6.41
N THR C 21 -34.60 6.29 -5.21
CA THR C 21 -35.23 5.50 -4.17
C THR C 21 -35.21 6.32 -2.89
N GLY C 22 -36.38 6.70 -2.39
CA GLY C 22 -36.44 7.43 -1.13
C GLY C 22 -35.60 8.69 -1.09
N GLY C 23 -35.55 9.42 -2.19
CA GLY C 23 -34.79 10.65 -2.27
C GLY C 23 -33.31 10.51 -2.56
N VAL C 24 -32.79 9.30 -2.69
CA VAL C 24 -31.40 9.07 -3.07
C VAL C 24 -31.36 8.60 -4.51
N GLY C 25 -30.57 9.27 -5.34
CA GLY C 25 -30.44 8.93 -6.74
C GLY C 25 -29.15 8.16 -6.98
N TYR C 26 -29.29 6.99 -7.58
CA TYR C 26 -28.15 6.12 -7.85
C TYR C 26 -27.78 6.13 -9.33
N GLU C 27 -26.49 6.33 -9.59
CA GLU C 27 -25.93 6.29 -10.93
C GLU C 27 -25.66 4.83 -11.31
N VAL C 28 -26.30 4.34 -12.37
CA VAL C 28 -26.14 2.96 -12.81
C VAL C 28 -25.64 2.91 -14.25
N HIS C 29 -24.59 2.13 -14.48
CA HIS C 29 -24.04 1.91 -15.82
C HIS C 29 -24.75 0.70 -16.42
N MET C 30 -25.09 0.77 -17.70
CA MET C 30 -25.80 -0.35 -18.33
C MET C 30 -25.32 -0.59 -19.75
N PRO C 31 -25.48 -1.81 -20.25
CA PRO C 31 -25.15 -2.11 -21.65
C PRO C 31 -25.96 -1.27 -22.63
N MET C 32 -25.30 -0.83 -23.70
CA MET C 32 -25.95 0.03 -24.67
C MET C 32 -27.20 -0.60 -25.27
N THR C 33 -27.16 -1.91 -25.57
CA THR C 33 -28.31 -2.55 -26.20
C THR C 33 -29.43 -2.92 -25.24
N CYS C 34 -29.15 -3.08 -23.96
CA CYS C 34 -30.24 -3.38 -23.02
C CYS C 34 -30.98 -2.11 -22.64
N PHE C 35 -30.35 -0.96 -22.88
CA PHE C 35 -30.93 0.33 -22.57
C PHE C 35 -32.27 0.55 -23.28
N TYR C 36 -32.44 -0.07 -24.46
CA TYR C 36 -33.68 0.08 -25.21
C TYR C 36 -34.90 -0.50 -24.48
N GLU C 37 -34.71 -1.42 -23.54
CA GLU C 37 -35.83 -2.03 -22.84
C GLU C 37 -36.32 -1.22 -21.65
N LEU C 38 -35.58 -0.22 -21.19
CA LEU C 38 -36.02 0.54 -20.04
C LEU C 38 -37.30 1.31 -20.35
N PRO C 39 -38.26 1.35 -19.42
CA PRO C 39 -39.47 2.13 -19.62
C PRO C 39 -39.18 3.61 -19.82
N GLU C 40 -40.24 4.33 -20.14
CA GLU C 40 -40.17 5.78 -20.27
C GLU C 40 -39.90 6.41 -18.91
N ALA C 41 -39.21 7.55 -18.92
CA ALA C 41 -38.89 8.23 -17.68
C ALA C 41 -40.15 8.52 -16.87
N GLY C 42 -39.99 8.47 -15.54
CA GLY C 42 -41.06 8.63 -14.59
C GLY C 42 -41.76 7.34 -14.23
N GLN C 43 -41.52 6.26 -14.96
CA GLN C 43 -42.05 4.94 -14.64
C GLN C 43 -41.09 4.18 -13.73
N GLU C 44 -41.65 3.22 -12.99
CA GLU C 44 -40.85 2.34 -12.15
C GLU C 44 -40.13 1.30 -13.00
N ALA C 45 -38.91 0.94 -12.58
CA ALA C 45 -38.13 -0.08 -13.25
C ALA C 45 -37.39 -0.91 -12.22
N ILE C 46 -36.92 -2.08 -12.65
CA ILE C 46 -36.17 -3.01 -11.81
C ILE C 46 -34.89 -3.37 -12.55
N VAL C 47 -33.77 -3.38 -11.83
CA VAL C 47 -32.49 -3.72 -12.43
C VAL C 47 -31.65 -4.53 -11.45
N PHE C 48 -31.03 -5.60 -11.95
CA PHE C 48 -30.12 -6.41 -11.17
C PHE C 48 -28.75 -5.76 -11.25
N THR C 49 -28.01 -5.76 -10.15
CA THR C 49 -26.76 -5.04 -10.10
C THR C 49 -25.62 -5.85 -9.50
N HIS C 50 -24.43 -5.35 -9.75
CA HIS C 50 -23.17 -5.84 -9.21
C HIS C 50 -22.42 -4.62 -8.72
N PHE C 51 -21.83 -4.70 -7.54
CA PHE C 51 -21.17 -3.56 -6.92
C PHE C 51 -19.67 -3.76 -6.99
N VAL C 52 -18.97 -2.78 -7.54
CA VAL C 52 -17.52 -2.82 -7.71
C VAL C 52 -16.90 -1.78 -6.80
N VAL C 53 -15.86 -2.18 -6.07
CA VAL C 53 -15.15 -1.29 -5.16
C VAL C 53 -13.68 -1.30 -5.52
N ARG C 54 -13.10 -0.10 -5.59
CA ARG C 54 -11.67 0.08 -5.86
C ARG C 54 -11.13 1.11 -4.87
N GLU C 55 -9.80 1.17 -4.79
CA GLU C 55 -9.18 2.11 -3.86
C GLU C 55 -9.60 3.55 -4.11
N ASP C 56 -9.76 3.94 -5.37
CA ASP C 56 -10.13 5.32 -5.69
C ASP C 56 -11.57 5.51 -6.14
N ALA C 57 -12.35 4.46 -6.35
CA ALA C 57 -13.70 4.66 -6.87
C ALA C 57 -14.60 3.50 -6.50
N GLN C 58 -15.90 3.80 -6.49
CA GLN C 58 -16.97 2.83 -6.31
C GLN C 58 -17.93 2.99 -7.48
N LEU C 59 -18.38 1.87 -8.04
CA LEU C 59 -19.24 1.91 -9.22
C LEU C 59 -20.29 0.82 -9.10
N LEU C 60 -21.43 1.08 -9.75
CA LEU C 60 -22.57 0.18 -9.73
C LEU C 60 -23.02 -0.11 -11.16
N TYR C 61 -23.07 -1.39 -11.52
CA TYR C 61 -23.46 -1.83 -12.85
C TYR C 61 -24.80 -2.54 -12.79
N GLY C 62 -25.62 -2.34 -13.81
CA GLY C 62 -26.96 -2.92 -13.84
C GLY C 62 -27.24 -3.69 -15.11
N PHE C 63 -28.15 -4.65 -14.99
CA PHE C 63 -28.52 -5.55 -16.08
C PHE C 63 -30.00 -5.86 -15.97
N ASN C 64 -30.64 -6.12 -17.11
CA ASN C 64 -32.07 -6.42 -17.12
C ASN C 64 -32.39 -7.85 -16.74
N ASN C 65 -31.45 -8.77 -16.84
CA ASN C 65 -31.72 -10.17 -16.55
C ASN C 65 -30.54 -10.83 -15.85
N LYS C 66 -30.86 -11.75 -14.94
CA LYS C 66 -29.83 -12.46 -14.19
C LYS C 66 -28.83 -13.15 -15.09
N GLN C 67 -29.26 -13.62 -16.27
CA GLN C 67 -28.32 -14.25 -17.19
C GLN C 67 -27.19 -13.31 -17.55
N GLU C 68 -27.53 -12.06 -17.87
CA GLU C 68 -26.52 -11.07 -18.20
C GLU C 68 -25.54 -10.86 -17.04
N ARG C 69 -26.06 -10.65 -15.83
CA ARG C 69 -25.20 -10.43 -14.69
C ARG C 69 -24.24 -11.59 -14.47
N THR C 70 -24.72 -12.81 -14.64
CA THR C 70 -23.85 -13.97 -14.42
C THR C 70 -22.69 -13.97 -15.41
N LEU C 71 -22.96 -13.76 -16.69
CA LEU C 71 -21.89 -13.73 -17.67
C LEU C 71 -20.92 -12.57 -17.42
N PHE C 72 -21.44 -11.41 -17.01
CA PHE C 72 -20.58 -10.27 -16.70
C PHE C 72 -19.58 -10.62 -15.60
N LYS C 73 -20.07 -11.19 -14.50
CA LYS C 73 -19.20 -11.55 -13.38
C LYS C 73 -18.11 -12.51 -13.82
N GLU C 74 -18.46 -13.48 -14.67
CA GLU C 74 -17.46 -14.43 -15.16
C GLU C 74 -16.43 -13.75 -16.05
N LEU C 75 -16.86 -12.85 -16.93
CA LEU C 75 -15.93 -12.16 -17.82
C LEU C 75 -14.88 -11.37 -17.04
N ILE C 76 -15.31 -10.54 -16.09
CA ILE C 76 -14.37 -9.67 -15.38
C ILE C 76 -13.33 -10.45 -14.60
N LYS C 77 -13.53 -11.75 -14.35
CA LYS C 77 -12.48 -12.52 -13.69
C LYS C 77 -11.34 -12.86 -14.64
N THR C 78 -11.58 -12.79 -15.95
CA THR C 78 -10.52 -13.10 -16.91
C THR C 78 -9.51 -11.96 -16.95
N ASN C 79 -8.24 -12.30 -16.78
CA ASN C 79 -7.20 -11.27 -16.79
C ASN C 79 -7.22 -10.49 -18.10
N GLY C 80 -7.07 -9.17 -17.98
CA GLY C 80 -7.08 -8.29 -19.12
C GLY C 80 -8.44 -7.80 -19.55
N VAL C 81 -9.52 -8.31 -18.99
CA VAL C 81 -10.87 -7.87 -19.29
C VAL C 81 -11.39 -7.12 -18.08
N GLY C 82 -11.65 -5.83 -18.24
CA GLY C 82 -12.24 -5.02 -17.21
C GLY C 82 -13.66 -4.61 -17.54
N PRO C 83 -14.32 -3.93 -16.61
CA PRO C 83 -15.73 -3.60 -16.82
C PRO C 83 -16.05 -2.90 -18.14
N LYS C 84 -15.19 -2.00 -18.61
CA LYS C 84 -15.49 -1.30 -19.87
C LYS C 84 -15.57 -2.28 -21.03
N LEU C 85 -14.56 -3.14 -21.16
CA LEU C 85 -14.56 -4.14 -22.24
C LEU C 85 -15.70 -5.13 -22.06
N ALA C 86 -15.99 -5.54 -20.83
CA ALA C 86 -17.08 -6.47 -20.58
C ALA C 86 -18.42 -5.93 -21.05
N LEU C 87 -18.68 -4.65 -20.80
CA LEU C 87 -19.93 -4.06 -21.31
C LEU C 87 -19.96 -4.03 -22.83
N ALA C 88 -18.81 -3.83 -23.47
CA ALA C 88 -18.77 -3.81 -24.92
C ALA C 88 -19.19 -5.17 -25.48
N ILE C 89 -18.65 -6.25 -24.95
CA ILE C 89 -19.02 -7.59 -25.41
C ILE C 89 -20.52 -7.78 -25.28
N LEU C 90 -21.09 -7.49 -24.11
CA LEU C 90 -22.53 -7.67 -23.95
C LEU C 90 -23.33 -6.77 -24.88
N SER C 91 -22.75 -5.68 -25.35
CA SER C 91 -23.48 -4.83 -26.28
C SER C 91 -23.49 -5.45 -27.68
N GLY C 92 -22.37 -6.05 -28.08
CA GLY C 92 -22.28 -6.65 -29.40
C GLY C 92 -23.07 -7.94 -29.56
N MET C 93 -22.97 -8.84 -28.58
CA MET C 93 -23.59 -10.15 -28.69
C MET C 93 -24.48 -10.47 -27.50
N SER C 94 -25.55 -11.22 -27.78
CA SER C 94 -26.37 -11.77 -26.70
C SER C 94 -25.58 -12.84 -25.96
N ALA C 95 -25.99 -13.08 -24.70
CA ALA C 95 -25.29 -14.06 -23.90
C ALA C 95 -25.26 -15.44 -24.56
N GLN C 96 -26.38 -15.87 -25.14
CA GLN C 96 -26.42 -17.18 -25.78
C GLN C 96 -25.50 -17.25 -27.00
N GLN C 97 -25.47 -16.20 -27.81
CA GLN C 97 -24.58 -16.18 -28.98
C GLN C 97 -23.11 -16.28 -28.58
N PHE C 98 -22.73 -15.61 -27.49
CA PHE C 98 -21.34 -15.65 -27.03
C PHE C 98 -20.92 -17.07 -26.66
N VAL C 99 -21.74 -17.77 -25.88
CA VAL C 99 -21.41 -19.15 -25.51
C VAL C 99 -21.16 -20.01 -26.74
N ASN C 100 -22.06 -19.94 -27.72
CA ASN C 100 -21.89 -20.73 -28.93
C ASN C 100 -20.58 -20.41 -29.63
N ALA C 101 -20.27 -19.12 -29.79
CA ALA C 101 -19.03 -18.71 -30.45
C ALA C 101 -17.78 -19.23 -29.77
N VAL C 102 -17.74 -19.22 -28.44
CA VAL C 102 -16.57 -19.74 -27.73
C VAL C 102 -16.42 -21.24 -27.96
N GLU C 103 -17.50 -21.99 -27.78
CA GLU C 103 -17.42 -23.44 -27.96
C GLU C 103 -16.99 -23.80 -29.38
N ARG C 104 -17.46 -23.05 -30.37
CA ARG C 104 -17.07 -23.29 -31.76
C ARG C 104 -15.75 -22.63 -32.13
N GLU C 105 -15.20 -21.78 -31.27
CA GLU C 105 -13.96 -21.03 -31.58
C GLU C 105 -14.10 -20.16 -32.83
N GLU C 106 -15.27 -19.55 -33.00
CA GLU C 106 -15.48 -18.67 -34.14
C GLU C 106 -14.75 -17.36 -33.90
N LEU C 107 -13.42 -17.40 -34.03
CA LEU C 107 -12.58 -16.23 -33.75
C LEU C 107 -13.11 -14.98 -34.43
N GLY C 108 -13.52 -15.09 -35.70
CA GLY C 108 -14.02 -13.92 -36.41
C GLY C 108 -15.27 -13.31 -35.80
N ALA C 109 -16.12 -14.13 -35.17
CA ALA C 109 -17.34 -13.61 -34.55
C ALA C 109 -17.02 -12.63 -33.41
N LEU C 110 -15.88 -12.82 -32.74
CA LEU C 110 -15.44 -11.94 -31.66
C LEU C 110 -14.63 -10.74 -32.15
N VAL C 111 -13.67 -10.98 -33.05
CA VAL C 111 -12.78 -9.91 -33.51
C VAL C 111 -13.55 -8.76 -34.16
N LYS C 112 -14.71 -9.03 -34.76
CA LYS C 112 -15.47 -7.94 -35.36
C LYS C 112 -16.00 -6.95 -34.33
N LEU C 113 -16.09 -7.30 -33.06
CA LEU C 113 -16.62 -6.36 -32.08
C LEU C 113 -15.61 -5.23 -31.85
N PRO C 114 -16.09 -4.02 -31.56
CA PRO C 114 -15.18 -2.92 -31.25
C PRO C 114 -14.30 -3.18 -30.04
N GLY C 115 -13.05 -2.71 -30.12
CA GLY C 115 -12.11 -2.83 -29.02
C GLY C 115 -11.47 -4.18 -28.80
N ILE C 116 -11.85 -5.21 -29.53
CA ILE C 116 -11.30 -6.55 -29.33
C ILE C 116 -10.30 -6.84 -30.44
N GLY C 117 -9.06 -7.15 -30.04
CA GLY C 117 -8.02 -7.54 -30.96
C GLY C 117 -7.89 -9.05 -31.09
N LYS C 118 -7.09 -9.46 -32.08
CA LYS C 118 -6.91 -10.89 -32.33
C LYS C 118 -6.38 -11.59 -31.09
N LYS C 119 -5.33 -11.04 -30.47
CA LYS C 119 -4.79 -11.62 -29.25
C LYS C 119 -5.85 -11.73 -28.16
N THR C 120 -6.66 -10.68 -27.99
CA THR C 120 -7.70 -10.71 -26.97
C THR C 120 -8.71 -11.83 -27.21
N ALA C 121 -9.16 -12.00 -28.45
CA ALA C 121 -10.12 -13.05 -28.75
C ALA C 121 -9.54 -14.42 -28.48
N GLU C 122 -8.29 -14.65 -28.86
CA GLU C 122 -7.66 -15.94 -28.60
C GLU C 122 -7.63 -16.22 -27.10
N ARG C 123 -7.21 -15.23 -26.31
CA ARG C 123 -7.17 -15.37 -24.86
C ARG C 123 -8.54 -15.70 -24.27
N LEU C 124 -9.58 -15.00 -24.72
CA LEU C 124 -10.94 -15.27 -24.23
C LEU C 124 -11.36 -16.72 -24.45
N ILE C 125 -11.19 -17.23 -25.66
CA ILE C 125 -11.60 -18.60 -25.96
C ILE C 125 -10.86 -19.59 -25.06
N VAL C 126 -9.55 -19.44 -24.96
CA VAL C 126 -8.73 -20.34 -24.14
C VAL C 126 -9.23 -20.37 -22.70
N GLU C 127 -9.52 -19.21 -22.12
CA GLU C 127 -9.97 -19.16 -20.73
C GLU C 127 -11.43 -19.56 -20.55
N MET C 128 -12.33 -19.03 -21.38
CA MET C 128 -13.76 -19.25 -21.16
C MET C 128 -14.22 -20.66 -21.53
N LYS C 129 -13.60 -21.30 -22.53
CA LYS C 129 -14.05 -22.61 -22.96
C LYS C 129 -14.10 -23.62 -21.82
N ASP C 130 -13.23 -23.48 -20.82
CA ASP C 130 -13.20 -24.40 -19.68
C ASP C 130 -14.27 -24.14 -18.62
N ARG C 131 -14.88 -22.96 -18.55
CA ARG C 131 -15.80 -22.70 -17.46
C ARG C 131 -17.25 -23.10 -17.75
N PHE C 132 -17.72 -22.98 -18.99
CA PHE C 132 -19.10 -23.38 -19.25
C PHE C 132 -19.30 -24.88 -19.12
N LYS C 133 -18.29 -25.67 -19.46
CA LYS C 133 -18.39 -27.13 -19.33
C LYS C 133 -19.63 -27.67 -20.02
N VAL D 1 -21.92 1.01 9.97
CA VAL D 1 -21.90 -0.46 10.23
C VAL D 1 -23.33 -0.94 10.44
N ILE D 2 -23.78 -1.84 9.56
CA ILE D 2 -25.12 -2.40 9.65
C ILE D 2 -25.13 -3.50 10.69
N GLY D 3 -25.94 -3.34 11.72
CA GLY D 3 -26.08 -4.32 12.78
C GLY D 3 -27.24 -5.27 12.65
N ARG D 4 -28.33 -4.85 12.02
CA ARG D 4 -29.50 -5.71 11.86
C ARG D 4 -30.28 -5.27 10.62
N LEU D 5 -30.86 -6.24 9.91
CA LEU D 5 -31.72 -5.96 8.77
C LEU D 5 -33.09 -6.58 8.98
N ARG D 6 -34.13 -5.83 8.63
CA ARG D 6 -35.51 -6.29 8.66
C ARG D 6 -36.16 -5.98 7.32
N GLY D 7 -36.68 -6.99 6.65
CA GLY D 7 -37.26 -6.75 5.35
C GLY D 7 -37.95 -7.96 4.77
N ILE D 8 -38.34 -7.84 3.51
CA ILE D 8 -39.06 -8.88 2.79
C ILE D 8 -38.09 -9.80 2.07
N ILE D 9 -38.31 -11.10 2.17
CA ILE D 9 -37.48 -12.07 1.46
C ILE D 9 -37.89 -12.09 -0.01
N LEU D 10 -36.94 -11.79 -0.89
CA LEU D 10 -37.16 -11.81 -2.32
C LEU D 10 -36.77 -13.13 -2.96
N GLU D 11 -35.59 -13.64 -2.64
CA GLU D 11 -35.10 -14.87 -3.23
C GLU D 11 -34.27 -15.64 -2.22
N LYS D 12 -34.27 -16.95 -2.34
CA LYS D 12 -33.52 -17.84 -1.46
C LYS D 12 -32.73 -18.81 -2.33
N GLN D 13 -31.41 -18.64 -2.38
CA GLN D 13 -30.54 -19.51 -3.18
C GLN D 13 -29.30 -19.78 -2.36
N PRO D 14 -29.32 -20.81 -1.51
CA PRO D 14 -28.20 -21.09 -0.61
C PRO D 14 -26.88 -20.99 -1.34
N PRO D 15 -25.85 -20.37 -0.72
CA PRO D 15 -25.85 -19.75 0.60
C PRO D 15 -26.32 -18.30 0.69
N ILE D 16 -26.83 -17.73 -0.40
CA ILE D 16 -27.20 -16.31 -0.44
C ILE D 16 -28.71 -16.14 -0.31
N VAL D 17 -29.11 -15.14 0.48
CA VAL D 17 -30.50 -14.73 0.61
C VAL D 17 -30.56 -13.25 0.22
N LEU D 18 -31.66 -12.84 -0.38
CA LEU D 18 -31.86 -11.45 -0.81
C LEU D 18 -33.02 -10.82 -0.04
N LEU D 19 -32.73 -9.77 0.73
CA LEU D 19 -33.72 -9.04 1.50
C LEU D 19 -33.91 -7.65 0.92
N GLU D 20 -35.16 -7.23 0.73
CA GLU D 20 -35.47 -5.90 0.21
C GLU D 20 -35.94 -4.98 1.32
N THR D 21 -35.35 -3.78 1.37
CA THR D 21 -35.75 -2.74 2.31
C THR D 21 -35.84 -1.43 1.53
N GLY D 22 -37.04 -0.91 1.38
CA GLY D 22 -37.21 0.36 0.69
C GLY D 22 -36.66 0.41 -0.72
N GLY D 23 -36.77 -0.70 -1.45
CA GLY D 23 -36.30 -0.76 -2.81
C GLY D 23 -34.84 -1.12 -3.00
N VAL D 24 -34.08 -1.30 -1.93
CA VAL D 24 -32.69 -1.73 -2.01
C VAL D 24 -32.63 -3.18 -1.56
N GLY D 25 -32.02 -4.03 -2.39
CA GLY D 25 -31.88 -5.44 -2.09
C GLY D 25 -30.47 -5.75 -1.63
N TYR D 26 -30.37 -6.35 -0.46
CA TYR D 26 -29.08 -6.68 0.13
C TYR D 26 -28.78 -8.17 0.00
N GLU D 27 -27.59 -8.47 -0.49
CA GLU D 27 -27.07 -9.83 -0.58
C GLU D 27 -26.53 -10.22 0.79
N VAL D 28 -27.04 -11.32 1.36
CA VAL D 28 -26.60 -11.79 2.67
C VAL D 28 -26.16 -13.24 2.60
N HIS D 29 -25.02 -13.54 3.21
CA HIS D 29 -24.47 -14.90 3.29
C HIS D 29 -24.90 -15.50 4.61
N MET D 30 -25.33 -16.75 4.61
CA MET D 30 -25.80 -17.36 5.85
C MET D 30 -25.35 -18.81 5.95
N PRO D 31 -25.23 -19.34 7.17
CA PRO D 31 -24.90 -20.76 7.36
C PRO D 31 -25.91 -21.70 6.72
N MET D 32 -25.40 -22.75 6.10
CA MET D 32 -26.27 -23.69 5.39
C MET D 32 -27.36 -24.26 6.30
N THR D 33 -27.03 -24.58 7.55
CA THR D 33 -28.01 -25.19 8.45
C THR D 33 -28.97 -24.21 9.10
N CYS D 34 -28.69 -22.92 9.08
CA CYS D 34 -29.64 -21.95 9.64
C CYS D 34 -30.64 -21.51 8.58
N PHE D 35 -30.32 -21.76 7.32
CA PHE D 35 -31.18 -21.40 6.21
C PHE D 35 -32.54 -22.05 6.30
N TYR D 36 -32.63 -23.23 6.94
CA TYR D 36 -33.90 -23.93 7.07
C TYR D 36 -34.91 -23.17 7.92
N GLU D 37 -34.47 -22.24 8.78
CA GLU D 37 -35.39 -21.51 9.63
C GLU D 37 -36.00 -20.27 8.97
N LEU D 38 -35.48 -19.84 7.83
CA LEU D 38 -36.03 -18.64 7.20
C LEU D 38 -37.45 -18.89 6.72
N PRO D 39 -38.35 -17.93 6.92
CA PRO D 39 -39.72 -18.08 6.41
C PRO D 39 -39.76 -18.25 4.90
N GLU D 40 -40.95 -18.56 4.41
CA GLU D 40 -41.18 -18.68 2.99
C GLU D 40 -41.03 -17.32 2.32
N ALA D 41 -40.60 -17.33 1.06
CA ALA D 41 -40.38 -16.09 0.33
C ALA D 41 -41.63 -15.22 0.33
N GLY D 42 -41.41 -13.91 0.36
CA GLY D 42 -42.45 -12.91 0.45
C GLY D 42 -42.83 -12.53 1.86
N GLN D 43 -42.41 -13.31 2.86
CA GLN D 43 -42.64 -12.99 4.26
C GLN D 43 -41.50 -12.12 4.79
N GLU D 44 -41.79 -11.40 5.87
CA GLU D 44 -40.79 -10.60 6.56
C GLU D 44 -39.90 -11.48 7.43
N ALA D 45 -38.62 -11.10 7.52
CA ALA D 45 -37.66 -11.81 8.34
C ALA D 45 -36.71 -10.82 9.00
N ILE D 46 -36.01 -11.28 10.03
CA ILE D 46 -35.04 -10.48 10.77
C ILE D 46 -33.75 -11.28 10.84
N VAL D 47 -32.62 -10.61 10.58
CA VAL D 47 -31.32 -11.27 10.62
C VAL D 47 -30.28 -10.35 11.23
N PHE D 48 -29.49 -10.89 12.15
CA PHE D 48 -28.39 -10.14 12.76
C PHE D 48 -27.19 -10.26 11.82
N THR D 49 -26.46 -9.17 11.64
CA THR D 49 -25.40 -9.15 10.65
C THR D 49 -24.09 -8.60 11.21
N HIS D 50 -23.03 -8.90 10.46
CA HIS D 50 -21.68 -8.42 10.66
C HIS D 50 -21.20 -7.94 9.30
N PHE D 51 -20.56 -6.79 9.26
CA PHE D 51 -20.15 -6.17 8.01
C PHE D 51 -18.64 -6.28 7.88
N VAL D 52 -18.18 -6.87 6.78
CA VAL D 52 -16.77 -7.09 6.51
C VAL D 52 -16.35 -6.19 5.35
N VAL D 53 -15.22 -5.50 5.52
CA VAL D 53 -14.68 -4.61 4.50
C VAL D 53 -13.26 -5.02 4.19
N ARG D 54 -12.94 -5.07 2.89
CA ARG D 54 -11.60 -5.38 2.42
C ARG D 54 -11.27 -4.45 1.27
N GLU D 55 -9.98 -4.41 0.92
CA GLU D 55 -9.53 -3.49 -0.13
C GLU D 55 -10.27 -3.69 -1.44
N ASP D 56 -10.61 -4.93 -1.80
CA ASP D 56 -11.30 -5.20 -3.06
C ASP D 56 -12.76 -5.61 -2.93
N ALA D 57 -13.28 -5.80 -1.73
CA ALA D 57 -14.66 -6.28 -1.64
C ALA D 57 -15.28 -5.91 -0.30
N GLN D 58 -16.61 -5.85 -0.31
CA GLN D 58 -17.42 -5.63 0.87
C GLN D 58 -18.44 -6.77 0.93
N LEU D 59 -18.66 -7.32 2.12
CA LEU D 59 -19.54 -8.46 2.27
C LEU D 59 -20.33 -8.33 3.55
N LEU D 60 -21.53 -8.93 3.54
CA LEU D 60 -22.45 -8.86 4.67
C LEU D 60 -22.88 -10.28 5.04
N TYR D 61 -22.62 -10.68 6.28
CA TYR D 61 -22.96 -11.99 6.80
C TYR D 61 -24.12 -11.89 7.77
N GLY D 62 -24.99 -12.88 7.77
CA GLY D 62 -26.17 -12.87 8.62
C GLY D 62 -26.34 -14.14 9.42
N PHE D 63 -27.00 -14.01 10.57
CA PHE D 63 -27.23 -15.11 11.49
C PHE D 63 -28.59 -14.94 12.14
N ASN D 64 -29.19 -16.05 12.52
CA ASN D 64 -30.53 -16.02 13.12
C ASN D 64 -30.52 -15.67 14.60
N ASN D 65 -29.39 -15.79 15.28
CA ASN D 65 -29.34 -15.54 16.72
C ASN D 65 -28.02 -14.88 17.10
N LYS D 66 -28.11 -13.97 18.09
CA LYS D 66 -26.92 -13.26 18.55
C LYS D 66 -25.82 -14.21 19.01
N GLN D 67 -26.18 -15.38 19.53
CA GLN D 67 -25.16 -16.34 19.93
C GLN D 67 -24.28 -16.72 18.75
N GLU D 68 -24.89 -17.03 17.61
CA GLU D 68 -24.12 -17.39 16.43
C GLU D 68 -23.18 -16.27 16.01
N ARG D 69 -23.69 -15.03 15.95
CA ARG D 69 -22.84 -13.91 15.55
C ARG D 69 -21.64 -13.75 16.48
N THR D 70 -21.85 -13.90 17.78
CA THR D 70 -20.74 -13.75 18.71
C THR D 70 -19.65 -14.78 18.45
N LEU D 71 -20.02 -16.04 18.30
CA LEU D 71 -19.02 -17.08 18.03
C LEU D 71 -18.32 -16.83 16.69
N PHE D 72 -19.07 -16.38 15.67
CA PHE D 72 -18.46 -16.08 14.37
C PHE D 72 -17.39 -15.02 14.49
N LYS D 73 -17.70 -13.92 15.17
CA LYS D 73 -16.73 -12.84 15.34
C LYS D 73 -15.47 -13.32 16.05
N GLU D 74 -15.62 -14.19 17.04
CA GLU D 74 -14.47 -14.74 17.74
C GLU D 74 -13.64 -15.64 16.84
N LEU D 75 -14.28 -16.49 16.05
CA LEU D 75 -13.55 -17.40 15.16
C LEU D 75 -12.67 -16.64 14.18
N ILE D 76 -13.22 -15.66 13.47
CA ILE D 76 -12.46 -14.96 12.45
C ILE D 76 -11.24 -14.24 12.99
N LYS D 77 -11.15 -14.01 14.30
CA LYS D 77 -9.93 -13.41 14.83
C LYS D 77 -8.79 -14.42 14.89
N THR D 78 -9.09 -15.71 14.85
CA THR D 78 -8.04 -16.72 14.89
C THR D 78 -7.32 -16.75 13.56
N ASN D 79 -6.00 -16.66 13.59
CA ASN D 79 -5.21 -16.68 12.37
C ASN D 79 -5.50 -17.95 11.56
N GLY D 80 -5.67 -17.77 10.25
CA GLY D 80 -5.94 -18.86 9.34
C GLY D 80 -7.40 -19.23 9.19
N VAL D 81 -8.28 -18.77 10.05
CA VAL D 81 -9.71 -19.05 9.96
C VAL D 81 -10.38 -17.84 9.33
N GLY D 82 -10.74 -17.95 8.06
CA GLY D 82 -11.42 -16.89 7.36
C GLY D 82 -12.93 -17.09 7.35
N PRO D 83 -13.66 -16.08 6.88
CA PRO D 83 -15.13 -16.19 6.90
C PRO D 83 -15.69 -17.43 6.25
N LYS D 84 -15.09 -17.91 5.15
CA LYS D 84 -15.57 -19.12 4.50
C LYS D 84 -15.48 -20.32 5.43
N LEU D 85 -14.32 -20.54 6.02
CA LEU D 85 -14.15 -21.67 6.94
C LEU D 85 -15.03 -21.51 8.18
N ALA D 86 -15.17 -20.29 8.68
CA ALA D 86 -16.02 -20.05 9.84
C ALA D 86 -17.46 -20.46 9.59
N LEU D 87 -18.01 -20.17 8.42
CA LEU D 87 -19.36 -20.61 8.12
C LEU D 87 -19.46 -22.12 8.06
N ALA D 88 -18.41 -22.81 7.61
CA ALA D 88 -18.44 -24.27 7.58
C ALA D 88 -18.59 -24.83 8.98
N ILE D 89 -17.79 -24.34 9.93
CA ILE D 89 -17.89 -24.82 11.31
C ILE D 89 -19.30 -24.63 11.82
N LEU D 90 -19.86 -23.43 11.69
CA LEU D 90 -21.22 -23.20 12.17
C LEU D 90 -22.23 -24.07 11.44
N SER D 91 -21.91 -24.55 10.24
CA SER D 91 -22.83 -25.43 9.54
C SER D 91 -22.84 -26.82 10.17
N GLY D 92 -21.67 -27.32 10.55
CA GLY D 92 -21.54 -28.64 11.12
C GLY D 92 -21.94 -28.81 12.57
N MET D 93 -21.68 -27.81 13.42
CA MET D 93 -21.96 -27.94 14.85
C MET D 93 -22.70 -26.73 15.39
N SER D 94 -23.58 -26.98 16.35
CA SER D 94 -24.21 -25.90 17.08
C SER D 94 -23.16 -25.18 17.94
N ALA D 95 -23.45 -23.92 18.27
CA ALA D 95 -22.52 -23.16 19.07
C ALA D 95 -22.21 -23.85 20.39
N GLN D 96 -23.23 -24.38 21.06
CA GLN D 96 -23.01 -25.05 22.34
C GLN D 96 -22.15 -26.29 22.20
N GLN D 97 -22.38 -27.10 21.17
CA GLN D 97 -21.56 -28.30 20.94
C GLN D 97 -20.10 -27.95 20.72
N PHE D 98 -19.84 -26.87 19.97
CA PHE D 98 -18.46 -26.46 19.72
C PHE D 98 -17.72 -26.14 21.00
N VAL D 99 -18.32 -25.33 21.88
CA VAL D 99 -17.68 -24.99 23.15
C VAL D 99 -17.31 -26.25 23.92
N ASN D 100 -18.25 -27.19 24.05
CA ASN D 100 -17.96 -28.42 24.77
C ASN D 100 -16.78 -29.17 24.16
N ALA D 101 -16.77 -29.32 22.83
CA ALA D 101 -15.69 -30.03 22.16
C ALA D 101 -14.32 -29.41 22.40
N VAL D 102 -14.23 -28.08 22.38
CA VAL D 102 -12.94 -27.42 22.61
C VAL D 102 -12.46 -27.67 24.04
N GLU D 103 -13.32 -27.42 25.02
CA GLU D 103 -12.92 -27.61 26.40
C GLU D 103 -12.50 -29.06 26.69
N ARG D 104 -13.14 -30.03 26.02
CA ARG D 104 -12.78 -31.43 26.17
C ARG D 104 -11.66 -31.87 25.23
N GLU D 105 -11.26 -31.03 24.28
CA GLU D 105 -10.24 -31.38 23.29
C GLU D 105 -10.63 -32.59 22.46
N GLU D 106 -11.92 -32.70 22.13
CA GLU D 106 -12.40 -33.80 21.31
C GLU D 106 -11.96 -33.58 19.87
N LEU D 107 -10.67 -33.80 19.60
CA LEU D 107 -10.10 -33.55 18.29
C LEU D 107 -10.92 -34.20 17.18
N GLY D 108 -11.37 -35.43 17.39
CA GLY D 108 -12.14 -36.11 16.35
C GLY D 108 -13.46 -35.43 16.04
N ALA D 109 -14.07 -34.79 17.02
CA ALA D 109 -15.34 -34.10 16.77
C ALA D 109 -15.18 -32.96 15.77
N LEU D 110 -14.01 -32.33 15.71
CA LEU D 110 -13.73 -31.25 14.77
C LEU D 110 -13.20 -31.74 13.43
N VAL D 111 -12.24 -32.67 13.44
CA VAL D 111 -11.61 -33.13 12.21
C VAL D 111 -12.61 -33.72 11.24
N LYS D 112 -13.71 -34.30 11.73
CA LYS D 112 -14.70 -34.85 10.82
C LYS D 112 -15.40 -33.79 9.97
N LEU D 113 -15.37 -32.52 10.35
CA LEU D 113 -16.07 -31.51 9.56
C LEU D 113 -15.34 -31.28 8.23
N PRO D 114 -16.09 -30.97 7.17
CA PRO D 114 -15.46 -30.69 5.88
C PRO D 114 -14.48 -29.53 5.92
N GLY D 115 -13.36 -29.71 5.21
CA GLY D 115 -12.34 -28.67 5.10
C GLY D 115 -11.44 -28.46 6.29
N ILE D 116 -11.58 -29.21 7.37
CA ILE D 116 -10.76 -29.02 8.56
C ILE D 116 -9.74 -30.14 8.65
N GLY D 117 -8.45 -29.76 8.65
CA GLY D 117 -7.38 -30.73 8.80
C GLY D 117 -6.93 -30.89 10.24
N LYS D 118 -6.13 -31.93 10.46
CA LYS D 118 -5.65 -32.21 11.82
C LYS D 118 -4.94 -31.00 12.41
N LYS D 119 -4.00 -30.43 11.67
CA LYS D 119 -3.29 -29.24 12.15
C LYS D 119 -4.25 -28.12 12.48
N THR D 120 -5.26 -27.89 11.63
CA THR D 120 -6.23 -26.84 11.88
C THR D 120 -6.96 -27.05 13.20
N ALA D 121 -7.44 -28.26 13.45
CA ALA D 121 -8.15 -28.53 14.69
C ALA D 121 -7.26 -28.33 15.91
N GLU D 122 -6.00 -28.76 15.83
CA GLU D 122 -5.08 -28.54 16.93
C GLU D 122 -4.93 -27.05 17.22
N ARG D 123 -4.72 -26.26 16.17
CA ARG D 123 -4.59 -24.82 16.31
C ARG D 123 -5.83 -24.18 16.93
N LEU D 124 -7.02 -24.58 16.47
CA LEU D 124 -8.26 -24.05 17.03
C LEU D 124 -8.37 -24.27 18.54
N ILE D 125 -8.14 -25.50 18.99
CA ILE D 125 -8.25 -25.79 20.42
C ILE D 125 -7.28 -24.94 21.23
N VAL D 126 -6.03 -24.87 20.79
CA VAL D 126 -5.02 -24.11 21.51
C VAL D 126 -5.42 -22.64 21.66
N GLU D 127 -5.95 -22.04 20.60
CA GLU D 127 -6.36 -20.64 20.68
C GLU D 127 -7.69 -20.41 21.38
N MET D 128 -8.72 -21.19 21.04
CA MET D 128 -10.05 -20.93 21.58
C MET D 128 -10.21 -21.33 23.05
N LYS D 129 -9.50 -22.34 23.52
CA LYS D 129 -9.69 -22.80 24.90
C LYS D 129 -9.48 -21.68 25.92
N ASP D 130 -8.60 -20.72 25.61
CA ASP D 130 -8.33 -19.61 26.53
C ASP D 130 -9.37 -18.50 26.52
N ARG D 131 -10.24 -18.41 25.51
CA ARG D 131 -11.16 -17.27 25.47
C ARG D 131 -12.49 -17.51 26.17
N PHE D 132 -13.03 -18.73 26.13
CA PHE D 132 -14.31 -18.93 26.81
C PHE D 132 -14.17 -18.84 28.32
N LYS D 133 -13.04 -19.26 28.87
CA LYS D 133 -12.80 -19.16 30.31
C LYS D 133 -13.92 -19.82 31.09
N VAL F 1 21.34 -11.05 -2.24
CA VAL F 1 21.19 -11.67 -0.90
C VAL F 1 22.57 -12.09 -0.39
N ILE F 2 22.98 -11.50 0.72
CA ILE F 2 24.28 -11.82 1.32
C ILE F 2 24.14 -13.09 2.15
N GLY F 3 24.91 -14.11 1.79
CA GLY F 3 24.90 -15.38 2.50
C GLY F 3 26.01 -15.57 3.50
N ARG F 4 27.16 -14.95 3.29
CA ARG F 4 28.28 -15.08 4.21
C ARG F 4 29.13 -13.82 4.15
N LEU F 5 29.70 -13.44 5.29
CA LEU F 5 30.63 -12.32 5.37
C LEU F 5 31.94 -12.75 6.00
N ARG F 6 33.04 -12.30 5.44
CA ARG F 6 34.38 -12.54 5.95
C ARG F 6 35.13 -11.22 5.99
N GLY F 7 35.66 -10.87 7.16
CA GLY F 7 36.34 -9.59 7.27
C GLY F 7 36.97 -9.40 8.63
N ILE F 8 37.41 -8.17 8.87
CA ILE F 8 38.10 -7.79 10.10
C ILE F 8 37.10 -7.24 11.10
N ILE F 9 37.18 -7.68 12.35
CA ILE F 9 36.33 -7.17 13.41
C ILE F 9 36.82 -5.78 13.83
N LEU F 10 35.96 -4.78 13.68
CA LEU F 10 36.27 -3.42 14.08
C LEU F 10 35.81 -3.11 15.51
N GLU F 11 34.57 -3.49 15.84
CA GLU F 11 34.03 -3.19 17.16
C GLU F 11 33.11 -4.31 17.59
N LYS F 12 32.99 -4.49 18.90
CA LYS F 12 32.13 -5.50 19.51
C LYS F 12 31.33 -4.84 20.62
N GLN F 13 30.05 -4.57 20.36
CA GLN F 13 29.18 -3.95 21.35
C GLN F 13 27.86 -4.72 21.36
N PRO F 14 27.77 -5.79 22.14
CA PRO F 14 26.58 -6.64 22.13
C PRO F 14 25.30 -5.81 22.13
N PRO F 15 24.30 -6.19 21.32
CA PRO F 15 24.27 -7.33 20.40
C PRO F 15 24.85 -7.11 19.01
N ILE F 16 25.45 -5.95 18.73
CA ILE F 16 25.93 -5.62 17.40
C ILE F 16 27.44 -5.81 17.28
N VAL F 17 27.86 -6.37 16.15
CA VAL F 17 29.27 -6.49 15.78
C VAL F 17 29.45 -5.76 14.47
N LEU F 18 30.62 -5.15 14.29
CA LEU F 18 30.93 -4.41 13.07
C LEU F 18 32.08 -5.08 12.32
N LEU F 19 31.83 -5.54 11.10
CA LEU F 19 32.82 -6.18 10.24
C LEU F 19 33.15 -5.29 9.06
N GLU F 20 34.44 -5.09 8.80
CA GLU F 20 34.88 -4.29 7.66
C GLU F 20 35.35 -5.16 6.51
N THR F 21 34.83 -4.90 5.31
CA THR F 21 35.25 -5.57 4.09
C THR F 21 35.50 -4.49 3.04
N GLY F 22 36.74 -4.33 2.62
CA GLY F 22 37.05 -3.36 1.57
C GLY F 22 36.57 -1.95 1.86
N GLY F 23 36.67 -1.51 3.11
CA GLY F 23 36.27 -0.18 3.50
C GLY F 23 34.80 0.02 3.79
N VAL F 24 33.97 -1.02 3.65
CA VAL F 24 32.56 -0.94 4.00
C VAL F 24 32.36 -1.72 5.29
N GLY F 25 31.75 -1.08 6.28
CA GLY F 25 31.49 -1.69 7.56
C GLY F 25 30.04 -2.10 7.69
N TYR F 26 29.81 -3.38 7.95
CA TYR F 26 28.47 -3.93 8.04
C TYR F 26 28.06 -4.17 9.49
N GLU F 27 26.89 -3.67 9.85
CA GLU F 27 26.29 -3.89 11.16
C GLU F 27 25.64 -5.27 11.16
N VAL F 28 26.01 -6.12 12.11
CA VAL F 28 25.46 -7.47 12.21
C VAL F 28 24.93 -7.73 13.61
N HIS F 29 23.71 -8.29 13.68
CA HIS F 29 23.08 -8.66 14.94
C HIS F 29 23.39 -10.12 15.22
N MET F 30 23.74 -10.44 16.47
CA MET F 30 24.08 -11.82 16.78
C MET F 30 23.52 -12.25 18.13
N PRO F 31 23.28 -13.55 18.31
CA PRO F 31 22.83 -14.05 19.61
C PRO F 31 23.80 -13.74 20.74
N MET F 32 23.26 -13.39 21.90
CA MET F 32 24.09 -12.99 23.03
C MET F 32 25.09 -14.07 23.42
N THR F 33 24.70 -15.35 23.34
CA THR F 33 25.60 -16.42 23.76
C THR F 33 26.60 -16.86 22.71
N CYS F 34 26.34 -16.62 21.42
CA CYS F 34 27.34 -16.97 20.42
C CYS F 34 28.42 -15.89 20.34
N PHE F 35 28.11 -14.71 20.87
CA PHE F 35 29.04 -13.59 20.86
C PHE F 35 30.35 -13.93 21.55
N TYR F 36 30.32 -14.83 22.53
CA TYR F 36 31.53 -15.21 23.25
C TYR F 36 32.56 -15.91 22.38
N GLU F 37 32.16 -16.50 21.26
CA GLU F 37 33.10 -17.21 20.39
C GLU F 37 33.83 -16.31 19.41
N LEU F 38 33.41 -15.07 19.22
CA LEU F 38 34.09 -14.21 18.26
C LEU F 38 35.51 -13.91 18.71
N PRO F 39 36.48 -13.92 17.79
CA PRO F 39 37.86 -13.57 18.14
C PRO F 39 37.97 -12.16 18.70
N GLU F 40 39.17 -11.86 19.20
CA GLU F 40 39.49 -10.53 19.68
C GLU F 40 39.45 -9.55 18.51
N ALA F 41 39.08 -8.31 18.80
CA ALA F 41 38.99 -7.29 17.76
C ALA F 41 40.31 -7.17 17.00
N GLY F 42 40.19 -6.84 15.72
CA GLY F 42 41.30 -6.76 14.80
C GLY F 42 41.63 -8.05 14.08
N GLN F 43 41.09 -9.18 14.54
CA GLN F 43 41.25 -10.46 13.89
C GLN F 43 40.16 -10.70 12.85
N GLU F 44 40.45 -11.59 11.91
CA GLU F 44 39.46 -11.99 10.91
C GLU F 44 38.45 -12.96 11.50
N ALA F 45 37.21 -12.87 11.03
CA ALA F 45 36.15 -13.77 11.46
C ALA F 45 35.24 -14.09 10.28
N ILE F 46 34.45 -15.15 10.44
CA ILE F 46 33.50 -15.60 9.43
C ILE F 46 32.16 -15.76 10.12
N VAL F 47 31.10 -15.27 9.48
CA VAL F 47 29.76 -15.38 10.03
C VAL F 47 28.75 -15.67 8.93
N PHE F 48 27.86 -16.63 9.17
CA PHE F 48 26.79 -16.94 8.24
C PHE F 48 25.65 -15.98 8.51
N THR F 49 25.02 -15.47 7.45
CA THR F 49 24.01 -14.43 7.62
C THR F 49 22.71 -14.75 6.88
N HIS F 50 21.69 -14.02 7.29
CA HIS F 50 20.36 -14.01 6.69
C HIS F 50 19.99 -12.54 6.54
N PHE F 51 19.43 -12.19 5.40
CA PHE F 51 19.14 -10.80 5.09
C PHE F 51 17.63 -10.59 5.15
N VAL F 52 17.20 -9.61 5.94
CA VAL F 52 15.80 -9.30 6.16
C VAL F 52 15.49 -7.93 5.57
N VAL F 53 14.40 -7.84 4.81
CA VAL F 53 14.01 -6.59 4.18
C VAL F 53 12.57 -6.27 4.54
N ARG F 54 12.32 -5.00 4.88
CA ARG F 54 10.99 -4.52 5.20
C ARG F 54 10.81 -3.18 4.51
N GLU F 55 9.55 -2.73 4.46
CA GLU F 55 9.24 -1.46 3.81
C GLU F 55 10.02 -0.28 4.38
N ASP F 56 10.29 -0.28 5.69
CA ASP F 56 11.01 0.83 6.31
C ASP F 56 12.43 0.52 6.77
N ALA F 57 12.89 -0.73 6.70
CA ALA F 57 14.21 -1.02 7.23
C ALA F 57 14.78 -2.28 6.58
N GLN F 58 16.11 -2.36 6.62
CA GLN F 58 16.88 -3.52 6.20
C GLN F 58 17.78 -3.93 7.35
N LEU F 59 17.90 -5.23 7.58
CA LEU F 59 18.69 -5.73 8.70
C LEU F 59 19.44 -6.98 8.28
N LEU F 60 20.56 -7.23 8.95
CA LEU F 60 21.43 -8.36 8.67
C LEU F 60 21.72 -9.10 9.96
N TYR F 61 21.37 -10.38 10.02
CA TYR F 61 21.57 -11.23 11.18
C TYR F 61 22.68 -12.23 10.91
N GLY F 62 23.47 -12.54 11.92
CA GLY F 62 24.59 -13.46 11.75
C GLY F 62 24.64 -14.53 12.81
N PHE F 63 25.22 -15.67 12.43
CA PHE F 63 25.32 -16.83 13.29
C PHE F 63 26.67 -17.51 13.04
N ASN F 64 27.18 -18.20 14.05
CA ASN F 64 28.46 -18.87 13.93
C ASN F 64 28.40 -20.20 13.20
N ASN F 65 27.24 -20.83 13.12
CA ASN F 65 27.14 -22.15 12.49
C ASN F 65 25.85 -22.26 11.69
N LYS F 66 25.93 -23.00 10.58
CA LYS F 66 24.78 -23.20 9.71
C LYS F 66 23.60 -23.79 10.45
N GLN F 67 23.83 -24.61 11.47
CA GLN F 67 22.73 -25.18 12.22
C GLN F 67 21.89 -24.09 12.86
N GLU F 68 22.54 -23.11 13.48
CA GLU F 68 21.81 -22.00 14.08
C GLU F 68 20.97 -21.24 13.05
N ARG F 69 21.58 -20.89 11.91
CA ARG F 69 20.84 -20.16 10.88
C ARG F 69 19.61 -20.93 10.42
N THR F 70 19.74 -22.25 10.25
CA THR F 70 18.59 -23.02 9.79
C THR F 70 17.44 -22.94 10.76
N LEU F 71 17.70 -23.12 12.05
CA LEU F 71 16.64 -23.04 13.05
C LEU F 71 16.04 -21.64 13.12
N PHE F 72 16.88 -20.61 13.00
CA PHE F 72 16.37 -19.24 13.01
C PHE F 72 15.36 -19.00 11.89
N LYS F 73 15.70 -19.42 10.68
CA LYS F 73 14.80 -19.25 9.54
C LYS F 73 13.47 -19.95 9.77
N GLU F 74 13.50 -21.14 10.37
CA GLU F 74 12.27 -21.86 10.67
C GLU F 74 11.44 -21.15 11.72
N LEU F 75 12.07 -20.63 12.76
CA LEU F 75 11.35 -19.93 13.82
C LEU F 75 10.58 -18.73 13.29
N ILE F 76 11.24 -17.85 12.53
CA ILE F 76 10.60 -16.63 12.06
C ILE F 76 9.40 -16.90 11.14
N LYS F 77 9.27 -18.12 10.59
CA LYS F 77 8.08 -18.40 9.80
C LYS F 77 6.85 -18.63 10.67
N THR F 78 7.04 -18.92 11.95
CA THR F 78 5.91 -19.14 12.83
C THR F 78 5.26 -17.81 13.15
N ASN F 79 3.93 -17.75 13.00
CA ASN F 79 3.22 -16.51 13.28
C ASN F 79 3.44 -16.06 14.72
N GLY F 80 3.66 -14.76 14.88
CA GLY F 80 3.88 -14.16 16.16
C GLY F 80 5.30 -14.18 16.68
N VAL F 81 6.21 -14.88 16.02
CA VAL F 81 7.60 -14.93 16.45
C VAL F 81 8.39 -13.96 15.57
N GLY F 82 8.86 -12.87 16.16
CA GLY F 82 9.66 -11.90 15.45
C GLY F 82 11.13 -12.19 15.58
N PRO F 83 11.95 -11.54 14.75
CA PRO F 83 13.40 -11.76 14.85
C PRO F 83 13.95 -11.49 16.24
N LYS F 84 13.42 -10.48 16.92
CA LYS F 84 13.86 -10.17 18.29
C LYS F 84 13.62 -11.36 19.21
N LEU F 85 12.42 -11.92 19.17
CA LEU F 85 12.10 -13.08 20.01
C LEU F 85 12.92 -14.30 19.60
N ALA F 86 13.10 -14.52 18.30
CA ALA F 86 13.89 -15.64 17.83
C ALA F 86 15.33 -15.60 18.35
N LEU F 87 15.94 -14.42 18.39
CA LEU F 87 17.28 -14.33 18.96
C LEU F 87 17.28 -14.67 20.44
N ALA F 88 16.21 -14.32 21.17
CA ALA F 88 16.14 -14.65 22.59
C ALA F 88 16.17 -16.16 22.79
N ILE F 89 15.35 -16.90 22.04
CA ILE F 89 15.33 -18.35 22.16
C ILE F 89 16.73 -18.92 21.93
N LEU F 90 17.38 -18.54 20.85
CA LEU F 90 18.71 -19.06 20.59
C LEU F 90 19.71 -18.65 21.67
N SER F 91 19.43 -17.59 22.41
CA SER F 91 20.33 -17.21 23.50
C SER F 91 20.16 -18.13 24.69
N GLY F 92 18.90 -18.48 25.00
CA GLY F 92 18.65 -19.33 26.15
C GLY F 92 19.00 -20.79 25.97
N MET F 93 18.72 -21.35 24.79
CA MET F 93 18.93 -22.78 24.55
C MET F 93 19.73 -23.05 23.29
N SER F 94 20.51 -24.12 23.34
CA SER F 94 21.19 -24.60 22.15
C SER F 94 20.16 -25.18 21.19
N ALA F 95 20.52 -25.22 19.90
CA ALA F 95 19.61 -25.75 18.89
C ALA F 95 19.18 -27.17 19.22
N GLN F 96 20.12 -28.03 19.63
CA GLN F 96 19.79 -29.40 19.96
C GLN F 96 18.83 -29.51 21.15
N GLN F 97 19.06 -28.72 22.20
CA GLN F 97 18.17 -28.74 23.36
C GLN F 97 16.75 -28.33 22.99
N PHE F 98 16.60 -27.34 22.10
CA PHE F 98 15.27 -26.90 21.70
C PHE F 98 14.49 -28.01 21.02
N VAL F 99 15.13 -28.73 20.09
CA VAL F 99 14.45 -29.85 19.42
C VAL F 99 13.95 -30.86 20.44
N ASN F 100 14.81 -31.24 21.39
CA ASN F 100 14.40 -32.21 22.40
C ASN F 100 13.19 -31.73 23.19
N ALA F 101 13.21 -30.47 23.63
CA ALA F 101 12.10 -29.91 24.41
C ALA F 101 10.78 -29.93 23.65
N VAL F 102 10.79 -29.57 22.37
CA VAL F 102 9.55 -29.54 21.60
C VAL F 102 8.98 -30.94 21.45
N GLU F 103 9.81 -31.91 21.05
CA GLU F 103 9.32 -33.27 20.87
C GLU F 103 8.77 -33.84 22.17
N ARG F 104 9.40 -33.50 23.29
CA ARG F 104 8.94 -33.96 24.60
C ARG F 104 7.85 -33.09 25.20
N GLU F 105 7.55 -31.93 24.60
CA GLU F 105 6.56 -31.00 25.14
C GLU F 105 6.92 -30.51 26.54
N GLU F 106 8.22 -30.30 26.79
CA GLU F 106 8.67 -29.81 28.08
C GLU F 106 8.33 -28.34 28.21
N LEU F 107 7.04 -28.03 28.38
CA LEU F 107 6.58 -26.65 28.41
C LEU F 107 7.40 -25.79 29.37
N GLY F 108 7.72 -26.32 30.55
CA GLY F 108 8.50 -25.55 31.51
C GLY F 108 9.87 -25.16 31.01
N ALA F 109 10.50 -26.00 30.18
CA ALA F 109 11.81 -25.66 29.65
C ALA F 109 11.79 -24.41 28.78
N LEU F 110 10.65 -24.13 28.13
CA LEU F 110 10.49 -22.95 27.30
C LEU F 110 10.01 -21.72 28.08
N VAL F 111 9.00 -21.88 28.92
CA VAL F 111 8.41 -20.75 29.64
C VAL F 111 9.44 -20.04 30.52
N LYS F 112 10.44 -20.75 31.02
CA LYS F 112 11.46 -20.09 31.84
C LYS F 112 12.28 -19.08 31.05
N LEU F 113 12.33 -19.14 29.73
CA LEU F 113 13.13 -18.20 28.98
C LEU F 113 12.53 -16.80 29.06
N PRO F 114 13.37 -15.76 29.04
CA PRO F 114 12.86 -14.39 29.08
C PRO F 114 11.95 -14.04 27.91
N GLY F 115 10.89 -13.29 28.20
CA GLY F 115 9.96 -12.84 27.19
C GLY F 115 9.01 -13.87 26.60
N ILE F 116 9.06 -15.13 27.02
CA ILE F 116 8.20 -16.17 26.46
C ILE F 116 7.06 -16.43 27.43
N GLY F 117 5.83 -16.30 26.92
CA GLY F 117 4.63 -16.55 27.71
C GLY F 117 4.12 -17.97 27.56
N LYS F 118 3.21 -18.34 28.47
CA LYS F 118 2.64 -19.67 28.44
C LYS F 118 1.93 -19.92 27.11
N LYS F 119 1.07 -18.99 26.69
CA LYS F 119 0.39 -19.13 25.41
C LYS F 119 1.39 -19.27 24.27
N THR F 120 2.45 -18.46 24.29
CA THR F 120 3.47 -18.52 23.25
C THR F 120 4.12 -19.90 23.18
N ALA F 121 4.53 -20.44 24.32
CA ALA F 121 5.17 -21.75 24.33
C ALA F 121 4.23 -22.83 23.80
N GLU F 122 2.96 -22.78 24.17
CA GLU F 122 2.00 -23.75 23.65
C GLU F 122 1.94 -23.66 22.13
N ARG F 123 1.82 -22.45 21.60
CA ARG F 123 1.79 -22.23 20.16
C ARG F 123 3.04 -22.77 19.46
N LEU F 124 4.22 -22.47 20.02
CA LEU F 124 5.46 -22.97 19.45
C LEU F 124 5.49 -24.48 19.30
N ILE F 125 5.15 -25.21 20.37
CA ILE F 125 5.17 -26.66 20.33
C ILE F 125 4.24 -27.18 19.24
N VAL F 126 3.02 -26.65 19.21
CA VAL F 126 2.03 -27.11 18.23
C VAL F 126 2.53 -26.92 16.80
N GLU F 127 3.15 -25.79 16.50
CA GLU F 127 3.65 -25.54 15.15
C GLU F 127 4.96 -26.27 14.83
N MET F 128 5.94 -26.19 15.73
CA MET F 128 7.26 -26.75 15.44
C MET F 128 7.29 -28.28 15.43
N LYS F 129 6.48 -28.93 16.27
CA LYS F 129 6.53 -30.39 16.36
C LYS F 129 6.35 -31.07 15.01
N ASP F 130 5.58 -30.46 14.10
CA ASP F 130 5.34 -31.03 12.78
C ASP F 130 6.46 -30.85 11.77
N ARG F 131 7.40 -29.91 11.99
CA ARG F 131 8.40 -29.66 10.95
C ARG F 131 9.66 -30.49 11.08
N PHE F 132 10.10 -30.82 12.30
CA PHE F 132 11.32 -31.61 12.41
C PHE F 132 11.13 -33.02 11.87
N LYS F 133 9.94 -33.59 12.03
CA LYS F 133 9.66 -34.93 11.51
C LYS F 133 10.71 -35.94 11.94
N VAL H 1 21.68 -2.75 -10.25
CA VAL H 1 21.26 -4.04 -10.85
C VAL H 1 22.50 -4.84 -11.23
N ILE H 2 22.67 -5.99 -10.59
CA ILE H 2 23.81 -6.87 -10.86
C ILE H 2 23.54 -7.65 -12.14
N GLY H 3 24.41 -7.49 -13.12
CA GLY H 3 24.29 -8.20 -14.38
C GLY H 3 25.15 -9.44 -14.52
N ARG H 4 26.30 -9.47 -13.85
CA ARG H 4 27.18 -10.63 -13.93
C ARG H 4 27.99 -10.73 -12.65
N LEU H 5 28.26 -11.96 -12.22
CA LEU H 5 29.12 -12.21 -11.07
C LEU H 5 30.28 -13.11 -11.46
N ARG H 6 31.48 -12.77 -10.99
CA ARG H 6 32.67 -13.56 -11.18
C ARG H 6 33.34 -13.77 -9.83
N GLY H 7 33.54 -15.02 -9.43
CA GLY H 7 34.11 -15.27 -8.12
C GLY H 7 34.41 -16.72 -7.89
N ILE H 8 34.79 -17.02 -6.65
CA ILE H 8 35.18 -18.36 -6.23
C ILE H 8 33.97 -19.12 -5.71
N ILE H 9 33.83 -20.37 -6.13
CA ILE H 9 32.75 -21.22 -5.63
C ILE H 9 33.10 -21.70 -4.23
N LEU H 10 32.21 -21.41 -3.27
CA LEU H 10 32.37 -21.84 -1.89
C LEU H 10 31.59 -23.10 -1.57
N GLU H 11 30.32 -23.17 -1.97
CA GLU H 11 29.48 -24.32 -1.67
C GLU H 11 28.54 -24.56 -2.82
N LYS H 12 28.18 -25.83 -3.01
CA LYS H 12 27.26 -26.25 -4.06
C LYS H 12 26.19 -27.13 -3.43
N GLN H 13 24.99 -26.59 -3.26
CA GLN H 13 23.88 -27.34 -2.66
C GLN H 13 22.64 -27.05 -3.47
N PRO H 14 22.40 -27.82 -4.53
CA PRO H 14 21.28 -27.55 -5.43
C PRO H 14 20.00 -27.28 -4.66
N PRO H 15 19.21 -26.28 -5.05
CA PRO H 15 19.40 -25.39 -6.20
C PRO H 15 20.24 -24.13 -5.96
N ILE H 16 20.92 -24.01 -4.82
CA ILE H 16 21.66 -22.80 -4.47
C ILE H 16 23.16 -23.01 -4.60
N VAL H 17 23.83 -22.01 -5.15
CA VAL H 17 25.29 -21.98 -5.22
C VAL H 17 25.74 -20.72 -4.48
N LEU H 18 26.88 -20.79 -3.81
CA LEU H 18 27.43 -19.66 -3.08
C LEU H 18 28.74 -19.19 -3.72
N LEU H 19 28.78 -17.95 -4.20
CA LEU H 19 29.97 -17.36 -4.81
C LEU H 19 30.52 -16.25 -3.92
N GLU H 20 31.82 -16.26 -3.67
CA GLU H 20 32.47 -15.23 -2.87
C GLU H 20 33.22 -14.24 -3.74
N THR H 21 32.99 -12.96 -3.50
CA THR H 21 33.70 -11.87 -4.17
C THR H 21 34.11 -10.88 -3.09
N GLY H 22 35.40 -10.76 -2.84
CA GLY H 22 35.88 -9.79 -1.88
C GLY H 22 35.30 -9.94 -0.49
N GLY H 23 35.07 -11.17 -0.04
CA GLY H 23 34.54 -11.42 1.28
C GLY H 23 33.04 -11.38 1.42
N VAL H 24 32.30 -11.08 0.35
CA VAL H 24 30.85 -11.11 0.38
C VAL H 24 30.40 -12.34 -0.39
N GLY H 25 29.58 -13.17 0.25
CA GLY H 25 29.06 -14.37 -0.35
C GLY H 25 27.64 -14.16 -0.84
N TYR H 26 27.43 -14.42 -2.13
CA TYR H 26 26.13 -14.22 -2.76
C TYR H 26 25.42 -15.53 -3.00
N GLU H 27 24.18 -15.61 -2.54
CA GLU H 27 23.31 -16.76 -2.76
C GLU H 27 22.71 -16.65 -4.16
N VAL H 28 22.92 -17.67 -5.00
CA VAL H 28 22.40 -17.67 -6.36
C VAL H 28 21.58 -18.92 -6.61
N HIS H 29 20.41 -18.74 -7.24
CA HIS H 29 19.53 -19.83 -7.61
C HIS H 29 19.80 -20.19 -9.07
N MET H 30 19.89 -21.47 -9.38
CA MET H 30 20.19 -21.87 -10.75
C MET H 30 19.37 -23.07 -11.19
N PRO H 31 19.17 -23.23 -12.50
CA PRO H 31 18.48 -24.41 -13.02
C PRO H 31 19.17 -25.71 -12.64
N MET H 32 18.36 -26.72 -12.30
CA MET H 32 18.90 -27.99 -11.85
C MET H 32 19.84 -28.61 -12.88
N THR H 33 19.53 -28.46 -14.17
CA THR H 33 20.34 -29.09 -15.20
C THR H 33 21.57 -28.30 -15.60
N CYS H 34 21.60 -26.99 -15.38
CA CYS H 34 22.81 -26.23 -15.69
C CYS H 34 23.84 -26.37 -14.57
N PHE H 35 23.39 -26.81 -13.40
CA PHE H 35 24.25 -27.00 -12.25
C PHE H 35 25.39 -27.97 -12.54
N TYR H 36 25.16 -28.93 -13.43
CA TYR H 36 26.20 -29.90 -13.77
C TYR H 36 27.43 -29.27 -14.42
N GLU H 37 27.28 -28.12 -15.07
CA GLU H 37 28.40 -27.46 -15.73
C GLU H 37 29.30 -26.66 -14.79
N LEU H 38 28.87 -26.39 -13.57
CA LEU H 38 29.69 -25.60 -12.67
C LEU H 38 30.97 -26.36 -12.31
N PRO H 39 32.13 -25.68 -12.32
CA PRO H 39 33.38 -26.33 -11.91
C PRO H 39 33.32 -26.85 -10.49
N GLU H 40 34.40 -27.53 -10.11
CA GLU H 40 34.56 -28.03 -8.76
C GLU H 40 34.75 -26.88 -7.79
N ALA H 41 34.24 -27.05 -6.57
CA ALA H 41 34.37 -26.01 -5.56
C ALA H 41 35.82 -25.60 -5.37
N GLY H 42 36.01 -24.29 -5.15
CA GLY H 42 37.31 -23.68 -5.03
C GLY H 42 37.81 -23.06 -6.32
N GLN H 43 37.23 -23.43 -7.45
CA GLN H 43 37.55 -22.84 -8.74
C GLN H 43 36.71 -21.59 -9.00
N GLU H 44 37.21 -20.75 -9.90
CA GLU H 44 36.49 -19.57 -10.34
C GLU H 44 35.41 -19.93 -11.36
N ALA H 45 34.32 -19.17 -11.33
CA ALA H 45 33.23 -19.39 -12.28
C ALA H 45 32.58 -18.06 -12.62
N ILE H 46 31.86 -18.04 -13.74
CA ILE H 46 31.16 -16.86 -14.23
C ILE H 46 29.69 -17.23 -14.42
N VAL H 47 28.79 -16.36 -13.96
CA VAL H 47 27.36 -16.61 -14.09
C VAL H 47 26.65 -15.31 -14.45
N PHE H 48 25.74 -15.39 -15.41
CA PHE H 48 24.90 -14.25 -15.81
C PHE H 48 23.69 -14.26 -14.90
N THR H 49 23.28 -13.08 -14.43
CA THR H 49 22.23 -13.00 -13.43
C THR H 49 21.14 -11.99 -13.79
N HIS H 50 20.03 -12.15 -13.11
CA HIS H 50 18.86 -11.29 -13.14
C HIS H 50 18.48 -11.02 -11.71
N PHE H 51 18.15 -9.78 -11.38
CA PHE H 51 17.89 -9.39 -10.01
C PHE H 51 16.40 -9.12 -9.85
N VAL H 52 15.77 -9.81 -8.90
CA VAL H 52 14.34 -9.70 -8.64
C VAL H 52 14.16 -9.02 -7.29
N VAL H 53 13.27 -8.03 -7.24
CA VAL H 53 13.01 -7.29 -6.02
C VAL H 53 11.51 -7.30 -5.75
N ARG H 54 11.15 -7.57 -4.49
CA ARG H 54 9.76 -7.57 -4.04
C ARG H 54 9.70 -6.85 -2.71
N GLU H 55 8.47 -6.51 -2.30
CA GLU H 55 8.27 -5.80 -1.03
C GLU H 55 8.89 -6.53 0.15
N ASP H 56 8.80 -7.86 0.18
CA ASP H 56 9.32 -8.64 1.30
C ASP H 56 10.60 -9.41 1.01
N ALA H 57 11.11 -9.43 -0.22
CA ALA H 57 12.27 -10.27 -0.49
C ALA H 57 13.04 -9.75 -1.70
N GLN H 58 14.32 -10.11 -1.73
CA GLN H 58 15.22 -9.86 -2.84
C GLN H 58 15.87 -11.19 -3.20
N LEU H 59 15.99 -11.45 -4.50
CA LEU H 59 16.52 -12.73 -4.96
C LEU H 59 17.40 -12.51 -6.19
N LEU H 60 18.34 -13.42 -6.39
CA LEU H 60 19.30 -13.33 -7.47
C LEU H 60 19.36 -14.68 -8.19
N TYR H 61 18.95 -14.68 -9.46
CA TYR H 61 18.94 -15.87 -10.30
C TYR H 61 20.13 -15.86 -11.25
N GLY H 62 20.69 -17.03 -11.52
CA GLY H 62 21.85 -17.13 -12.37
C GLY H 62 21.71 -18.19 -13.44
N PHE H 63 22.42 -17.97 -14.55
CA PHE H 63 22.38 -18.84 -15.72
C PHE H 63 23.76 -18.90 -16.33
N ASN H 64 24.05 -19.98 -17.05
CA ASN H 64 25.36 -20.17 -17.66
C ASN H 64 25.49 -19.49 -19.01
N ASN H 65 24.39 -19.21 -19.70
CA ASN H 65 24.46 -18.62 -21.03
C ASN H 65 23.40 -17.55 -21.20
N LYS H 66 23.78 -16.48 -21.93
CA LYS H 66 22.86 -15.37 -22.16
C LYS H 66 21.56 -15.83 -22.79
N GLN H 67 21.58 -16.89 -23.58
CA GLN H 67 20.34 -17.40 -24.16
C GLN H 67 19.35 -17.78 -23.08
N GLU H 68 19.82 -18.51 -22.07
CA GLU H 68 18.95 -18.92 -20.97
C GLU H 68 18.34 -17.72 -20.26
N ARG H 69 19.16 -16.73 -19.92
CA ARG H 69 18.65 -15.54 -19.23
C ARG H 69 17.58 -14.84 -20.06
N THR H 70 17.79 -14.74 -21.37
CA THR H 70 16.80 -14.06 -22.19
C THR H 70 15.45 -14.77 -22.16
N LEU H 71 15.45 -16.09 -22.33
CA LEU H 71 14.19 -16.82 -22.29
C LEU H 71 13.54 -16.73 -20.91
N PHE H 72 14.34 -16.79 -19.85
CA PHE H 72 13.80 -16.66 -18.49
C PHE H 72 13.05 -15.35 -18.31
N LYS H 73 13.67 -14.24 -18.72
CA LYS H 73 13.05 -12.93 -18.58
C LYS H 73 11.73 -12.87 -19.34
N GLU H 74 11.66 -13.48 -20.52
CA GLU H 74 10.42 -13.49 -21.28
C GLU H 74 9.34 -14.34 -20.59
N LEU H 75 9.72 -15.49 -20.04
CA LEU H 75 8.76 -16.36 -19.37
C LEU H 75 8.08 -15.64 -18.20
N ILE H 76 8.86 -15.03 -17.32
CA ILE H 76 8.29 -14.41 -16.13
C ILE H 76 7.34 -13.27 -16.44
N LYS H 77 7.37 -12.72 -17.66
CA LYS H 77 6.38 -11.69 -17.98
C LYS H 77 5.01 -12.29 -18.27
N THR H 78 4.93 -13.59 -18.53
CA THR H 78 3.64 -14.22 -18.79
C THR H 78 2.87 -14.33 -17.48
N ASN H 79 1.61 -13.91 -17.51
CA ASN H 79 0.79 -13.98 -16.30
C ASN H 79 0.67 -15.42 -15.81
N GLY H 80 0.81 -15.58 -14.49
CA GLY H 80 0.71 -16.87 -13.85
C GLY H 80 1.97 -17.71 -13.84
N VAL H 81 3.04 -17.26 -14.47
CA VAL H 81 4.30 -18.00 -14.47
C VAL H 81 5.25 -17.27 -13.52
N GLY H 82 5.56 -17.90 -12.41
CA GLY H 82 6.48 -17.36 -11.43
C GLY H 82 7.90 -17.85 -11.65
N PRO H 83 8.86 -17.24 -10.96
CA PRO H 83 10.25 -17.68 -11.11
C PRO H 83 10.44 -19.16 -10.81
N LYS H 84 9.72 -19.68 -9.81
CA LYS H 84 9.83 -21.10 -9.48
C LYS H 84 9.44 -21.98 -10.68
N LEU H 85 8.30 -21.69 -11.29
CA LEU H 85 7.87 -22.45 -12.45
C LEU H 85 8.80 -22.25 -13.64
N ALA H 86 9.28 -21.03 -13.84
CA ALA H 86 10.20 -20.76 -14.94
C ALA H 86 11.47 -21.59 -14.84
N LEU H 87 12.03 -21.74 -13.64
CA LEU H 87 13.20 -22.60 -13.50
C LEU H 87 12.89 -24.06 -13.82
N ALA H 88 11.67 -24.51 -13.51
CA ALA H 88 11.31 -25.89 -13.84
C ALA H 88 11.35 -26.12 -15.34
N ILE H 89 10.75 -25.22 -16.11
CA ILE H 89 10.77 -25.35 -17.57
C ILE H 89 12.21 -25.45 -18.07
N LEU H 90 13.07 -24.53 -17.65
CA LEU H 90 14.45 -24.57 -18.11
C LEU H 90 15.18 -25.82 -17.64
N SER H 91 14.68 -26.49 -16.61
CA SER H 91 15.31 -27.73 -16.20
C SER H 91 14.89 -28.89 -17.09
N GLY H 92 13.64 -28.89 -17.54
CA GLY H 92 13.12 -29.93 -18.40
C GLY H 92 13.54 -29.87 -19.86
N MET H 93 13.56 -28.68 -20.46
CA MET H 93 13.86 -28.54 -21.87
C MET H 93 14.95 -27.51 -22.12
N SER H 94 15.73 -27.75 -23.17
CA SER H 94 16.67 -26.74 -23.63
C SER H 94 15.91 -25.58 -24.27
N ALA H 95 16.54 -24.42 -24.29
CA ALA H 95 15.89 -23.25 -24.87
C ALA H 95 15.44 -23.48 -26.30
N GLN H 96 16.30 -24.10 -27.11
CA GLN H 96 15.95 -24.34 -28.51
C GLN H 96 14.76 -25.31 -28.64
N GLN H 97 14.75 -26.38 -27.84
CA GLN H 97 13.63 -27.32 -27.87
C GLN H 97 12.30 -26.65 -27.51
N PHE H 98 12.32 -25.77 -26.52
CA PHE H 98 11.10 -25.06 -26.13
C PHE H 98 10.53 -24.23 -27.27
N VAL H 99 11.37 -23.45 -27.94
CA VAL H 99 10.91 -22.65 -29.07
C VAL H 99 10.22 -23.51 -30.11
N ASN H 100 10.84 -24.63 -30.47
CA ASN H 100 10.24 -25.52 -31.47
C ASN H 100 8.87 -26.02 -31.01
N ALA H 101 8.77 -26.48 -29.76
CA ALA H 101 7.51 -27.00 -29.24
C ALA H 101 6.39 -25.96 -29.28
N VAL H 102 6.69 -24.72 -28.95
CA VAL H 102 5.66 -23.68 -28.97
C VAL H 102 5.19 -23.43 -30.39
N GLU H 103 6.11 -23.22 -31.32
CA GLU H 103 5.70 -22.94 -32.70
C GLU H 103 4.92 -24.10 -33.30
N ARG H 104 5.22 -25.33 -32.89
CA ARG H 104 4.49 -26.50 -33.39
C ARG H 104 3.29 -26.86 -32.54
N GLU H 105 3.08 -26.19 -31.40
CA GLU H 105 1.97 -26.47 -30.50
C GLU H 105 1.97 -27.92 -30.00
N GLU H 106 3.16 -28.47 -29.77
CA GLU H 106 3.30 -29.85 -29.30
C GLU H 106 2.95 -29.88 -27.80
N LEU H 107 1.64 -29.73 -27.54
CA LEU H 107 1.14 -29.65 -26.18
C LEU H 107 1.71 -30.74 -25.28
N GLY H 108 1.78 -31.97 -25.79
CA GLY H 108 2.29 -33.06 -24.98
C GLY H 108 3.74 -32.88 -24.54
N ALA H 109 4.55 -32.21 -25.35
CA ALA H 109 5.94 -31.97 -24.98
C ALA H 109 6.06 -31.10 -23.73
N LEU H 110 5.08 -30.24 -23.49
CA LEU H 110 5.07 -29.37 -22.31
C LEU H 110 4.39 -30.02 -21.10
N VAL H 111 3.22 -30.62 -21.29
CA VAL H 111 2.45 -31.16 -20.18
C VAL H 111 3.22 -32.22 -19.41
N LYS H 112 4.15 -32.92 -20.07
CA LYS H 112 4.94 -33.92 -19.36
C LYS H 112 5.84 -33.33 -18.29
N LEU H 113 6.19 -32.04 -18.37
CA LEU H 113 7.09 -31.49 -17.37
C LEU H 113 6.39 -31.39 -16.01
N PRO H 114 7.13 -31.55 -14.91
CA PRO H 114 6.54 -31.41 -13.58
C PRO H 114 5.95 -30.03 -13.34
N GLY H 115 4.81 -30.00 -12.63
CA GLY H 115 4.16 -28.76 -12.28
C GLY H 115 3.39 -28.05 -13.36
N ILE H 116 3.46 -28.48 -14.62
CA ILE H 116 2.78 -27.80 -15.71
C ILE H 116 1.46 -28.50 -15.98
N GLY H 117 0.36 -27.75 -15.84
CA GLY H 117 -0.96 -28.25 -16.12
C GLY H 117 -1.39 -28.04 -17.56
N LYS H 118 -2.45 -28.77 -17.95
CA LYS H 118 -2.95 -28.65 -19.31
C LYS H 118 -3.34 -27.20 -19.61
N LYS H 119 -4.10 -26.58 -18.72
CA LYS H 119 -4.48 -25.18 -18.90
C LYS H 119 -3.26 -24.29 -19.04
N THR H 120 -2.25 -24.51 -18.18
CA THR H 120 -1.03 -23.71 -18.25
C THR H 120 -0.33 -23.86 -19.59
N ALA H 121 -0.21 -25.10 -20.09
CA ALA H 121 0.46 -25.30 -21.37
C ALA H 121 -0.28 -24.60 -22.50
N GLU H 122 -1.62 -24.65 -22.49
CA GLU H 122 -2.39 -23.94 -23.50
C GLU H 122 -2.11 -22.45 -23.42
N ARG H 123 -2.15 -21.89 -22.21
CA ARG H 123 -1.87 -20.47 -22.00
C ARG H 123 -0.48 -20.09 -22.50
N LEU H 124 0.53 -20.89 -22.17
CA LEU H 124 1.90 -20.62 -22.61
C LEU H 124 2.01 -20.50 -24.13
N ILE H 125 1.45 -21.47 -24.86
CA ILE H 125 1.53 -21.45 -26.32
C ILE H 125 0.87 -20.19 -26.87
N VAL H 126 -0.32 -19.88 -26.40
CA VAL H 126 -1.05 -18.71 -26.88
C VAL H 126 -0.25 -17.43 -26.68
N GLU H 127 0.36 -17.26 -25.51
CA GLU H 127 1.14 -16.06 -25.23
C GLU H 127 2.51 -16.04 -25.92
N MET H 128 3.27 -17.13 -25.82
CA MET H 128 4.63 -17.13 -26.34
C MET H 128 4.71 -17.18 -27.86
N LYS H 129 3.76 -17.82 -28.53
CA LYS H 129 3.85 -17.96 -29.98
C LYS H 129 3.99 -16.62 -30.69
N ASP H 130 3.45 -15.54 -30.10
CA ASP H 130 3.54 -14.23 -30.72
C ASP H 130 4.86 -13.50 -30.51
N ARG H 131 5.69 -13.90 -29.53
CA ARG H 131 6.89 -13.11 -29.29
C ARG H 131 8.08 -13.54 -30.14
N PHE H 132 8.24 -14.84 -30.40
CA PHE H 132 9.35 -15.28 -31.22
C PHE H 132 9.14 -14.88 -32.68
N VAL J 1 23.50 5.22 -1.97
CA VAL J 1 23.27 5.84 -3.31
C VAL J 1 24.59 5.89 -4.07
N ILE J 2 24.66 5.19 -5.19
CA ILE J 2 25.85 5.18 -6.03
C ILE J 2 25.90 6.46 -6.84
N GLY J 3 26.94 7.26 -6.63
CA GLY J 3 27.11 8.49 -7.35
C GLY J 3 28.04 8.43 -8.56
N ARG J 4 29.01 7.53 -8.54
CA ARG J 4 29.94 7.39 -9.66
C ARG J 4 30.44 5.96 -9.73
N LEU J 5 30.68 5.48 -10.94
CA LEU J 5 31.27 4.16 -11.14
C LEU J 5 32.51 4.26 -12.02
N ARG J 6 33.55 3.53 -11.63
CA ARG J 6 34.78 3.43 -12.40
C ARG J 6 35.14 1.97 -12.56
N GLY J 7 35.32 1.52 -13.79
CA GLY J 7 35.61 0.11 -13.99
C GLY J 7 35.91 -0.21 -15.45
N ILE J 8 36.01 -1.50 -15.72
CA ILE J 8 36.35 -2.03 -17.04
C ILE J 8 35.08 -2.28 -17.84
N ILE J 9 35.07 -1.85 -19.09
CA ILE J 9 33.94 -2.10 -19.97
C ILE J 9 33.97 -3.55 -20.42
N LEU J 10 32.90 -4.28 -20.15
CA LEU J 10 32.75 -5.67 -20.55
C LEU J 10 31.98 -5.84 -21.85
N GLU J 11 30.84 -5.15 -21.98
CA GLU J 11 30.02 -5.28 -23.17
C GLU J 11 29.34 -3.95 -23.46
N LYS J 12 29.05 -3.72 -24.73
CA LYS J 12 28.40 -2.50 -25.20
C LYS J 12 27.26 -2.89 -26.12
N GLN J 13 26.02 -2.80 -25.64
CA GLN J 13 24.85 -3.15 -26.43
C GLN J 13 23.81 -2.07 -26.20
N PRO J 14 23.82 -1.02 -27.00
CA PRO J 14 22.92 0.12 -26.79
C PRO J 14 21.49 -0.36 -26.53
N PRO J 15 20.80 0.22 -25.55
CA PRO J 15 21.22 1.32 -24.67
C PRO J 15 21.93 0.93 -23.38
N ILE J 16 22.32 -0.34 -23.22
CA ILE J 16 22.90 -0.83 -21.97
C ILE J 16 24.40 -1.05 -22.12
N VAL J 17 25.17 -0.62 -21.12
CA VAL J 17 26.59 -0.88 -21.03
C VAL J 17 26.82 -1.67 -19.75
N LEU J 18 27.79 -2.57 -19.77
CA LEU J 18 28.13 -3.39 -18.61
C LEU J 18 29.52 -3.04 -18.10
N LEU J 19 29.62 -2.56 -16.87
CA LEU J 19 30.88 -2.20 -16.22
C LEU J 19 31.18 -3.19 -15.10
N GLU J 20 32.40 -3.71 -15.05
CA GLU J 20 32.81 -4.62 -13.98
C GLU J 20 33.69 -3.91 -12.96
N THR J 21 33.37 -4.10 -11.69
CA THR J 21 34.17 -3.58 -10.58
C THR J 21 34.31 -4.71 -9.56
N GLY J 22 35.53 -5.21 -9.38
CA GLY J 22 35.75 -6.25 -8.39
C GLY J 22 34.87 -7.47 -8.54
N GLY J 23 34.64 -7.90 -9.78
CA GLY J 23 33.83 -9.08 -10.04
C GLY J 23 32.34 -8.87 -10.06
N VAL J 24 31.84 -7.67 -9.79
CA VAL J 24 30.43 -7.37 -9.88
C VAL J 24 30.20 -6.54 -11.14
N GLY J 25 29.28 -6.98 -11.99
CA GLY J 25 28.96 -6.29 -13.22
C GLY J 25 27.67 -5.52 -13.07
N TYR J 26 27.72 -4.23 -13.34
CA TYR J 26 26.58 -3.35 -13.19
C TYR J 26 25.99 -2.97 -14.55
N GLU J 27 24.68 -3.15 -14.68
CA GLU J 27 23.94 -2.75 -15.86
C GLU J 27 23.68 -1.25 -15.78
N VAL J 28 24.08 -0.50 -16.81
CA VAL J 28 23.89 0.95 -16.84
C VAL J 28 23.19 1.37 -18.13
N HIS J 29 22.17 2.21 -17.99
CA HIS J 29 21.44 2.76 -19.12
C HIS J 29 22.05 4.10 -19.49
N MET J 30 22.21 4.37 -20.79
CA MET J 30 22.83 5.63 -21.18
C MET J 30 22.17 6.23 -22.42
N PRO J 31 22.26 7.55 -22.59
CA PRO J 31 21.74 8.18 -23.81
C PRO J 31 22.38 7.64 -25.08
N MET J 32 21.57 7.47 -26.11
CA MET J 32 22.05 6.90 -27.37
C MET J 32 23.22 7.71 -27.94
N THR J 33 23.17 9.04 -27.82
CA THR J 33 24.22 9.87 -28.42
C THR J 33 25.47 10.00 -27.56
N CYS J 34 25.42 9.69 -26.27
CA CYS J 34 26.62 9.72 -25.46
C CYS J 34 27.39 8.41 -25.57
N PHE J 35 26.72 7.37 -26.04
CA PHE J 35 27.33 6.06 -26.18
C PHE J 35 28.54 6.10 -27.11
N TYR J 36 28.55 7.01 -28.08
CA TYR J 36 29.66 7.13 -29.01
C TYR J 36 30.96 7.53 -28.32
N GLU J 37 30.90 8.18 -27.16
CA GLU J 37 32.11 8.62 -26.47
C GLU J 37 32.77 7.54 -25.63
N LEU J 38 32.10 6.44 -25.35
CA LEU J 38 32.68 5.40 -24.52
C LEU J 38 33.89 4.76 -25.22
N PRO J 39 34.98 4.52 -24.50
CA PRO J 39 36.13 3.84 -25.08
C PRO J 39 35.78 2.46 -25.61
N GLU J 40 36.75 1.86 -26.29
CA GLU J 40 36.63 0.50 -26.78
C GLU J 40 36.55 -0.45 -25.59
N ALA J 41 35.85 -1.57 -25.79
CA ALA J 41 35.72 -2.56 -24.73
C ALA J 41 37.08 -3.02 -24.23
N GLY J 42 37.12 -3.34 -22.94
CA GLY J 42 38.32 -3.72 -22.24
C GLY J 42 39.09 -2.56 -21.61
N GLN J 43 38.79 -1.34 -22.02
CA GLN J 43 39.37 -0.14 -21.42
C GLN J 43 38.57 0.32 -20.21
N GLU J 44 39.22 1.10 -19.35
CA GLU J 44 38.57 1.70 -18.20
C GLU J 44 37.76 2.92 -18.63
N ALA J 45 36.64 3.15 -17.92
CA ALA J 45 35.79 4.30 -18.18
C ALA J 45 35.20 4.80 -16.88
N ILE J 46 34.71 6.04 -16.92
CA ILE J 46 34.09 6.68 -15.76
C ILE J 46 32.72 7.19 -16.19
N VAL J 47 31.72 6.99 -15.35
CA VAL J 47 30.36 7.45 -15.64
C VAL J 47 29.70 7.97 -14.38
N PHE J 48 29.04 9.11 -14.49
CA PHE J 48 28.27 9.68 -13.39
C PHE J 48 26.88 9.06 -13.43
N THR J 49 26.37 8.68 -12.27
CA THR J 49 25.11 7.95 -12.22
C THR J 49 24.11 8.55 -11.27
N HIS J 50 22.86 8.11 -11.47
CA HIS J 50 21.71 8.45 -10.66
C HIS J 50 21.00 7.13 -10.39
N PHE J 51 20.56 6.92 -9.16
CA PHE J 51 19.98 5.65 -8.76
C PHE J 51 18.48 5.83 -8.57
N VAL J 52 17.69 5.02 -9.26
CA VAL J 52 16.23 5.07 -9.21
C VAL J 52 15.73 3.81 -8.53
N VAL J 53 14.81 3.97 -7.58
CA VAL J 53 14.23 2.86 -6.85
C VAL J 53 12.71 2.92 -6.95
N ARG J 54 12.09 1.78 -7.22
CA ARG J 54 10.65 1.64 -7.29
C ARG J 54 10.25 0.38 -6.52
N GLU J 55 8.95 0.27 -6.25
CA GLU J 55 8.46 -0.88 -5.51
C GLU J 55 8.81 -2.20 -6.17
N ASP J 56 8.81 -2.26 -7.50
CA ASP J 56 9.11 -3.50 -8.20
C ASP J 56 10.45 -3.54 -8.94
N ALA J 57 11.20 -2.44 -9.00
CA ALA J 57 12.44 -2.48 -9.75
C ALA J 57 13.43 -1.44 -9.26
N GLN J 58 14.70 -1.71 -9.55
CA GLN J 58 15.81 -0.80 -9.28
C GLN J 58 16.55 -0.60 -10.59
N LEU J 59 16.97 0.63 -10.86
CA LEU J 59 17.63 0.94 -12.12
C LEU J 59 18.75 1.96 -11.88
N LEU J 60 19.74 1.91 -12.75
CA LEU J 60 20.91 2.77 -12.65
C LEU J 60 21.15 3.43 -14.00
N TYR J 61 21.14 4.77 -14.02
CA TYR J 61 21.35 5.56 -15.22
C TYR J 61 22.70 6.24 -15.16
N GLY J 62 23.35 6.37 -16.31
CA GLY J 62 24.68 6.96 -16.37
C GLY J 62 24.81 8.02 -17.46
N PHE J 63 25.72 8.95 -17.22
CA PHE J 63 25.96 10.08 -18.10
C PHE J 63 27.44 10.40 -18.10
N ASN J 64 27.92 10.96 -19.21
CA ASN J 64 29.35 11.27 -19.33
C ASN J 64 29.75 12.55 -18.65
N ASN J 65 28.82 13.45 -18.34
CA ASN J 65 29.17 14.73 -17.74
C ASN J 65 28.12 15.16 -16.73
N LYS J 66 28.60 15.81 -15.66
CA LYS J 66 27.72 16.27 -14.61
C LYS J 66 26.60 17.17 -15.13
N GLN J 67 26.87 17.93 -16.19
CA GLN J 67 25.82 18.78 -16.76
C GLN J 67 24.64 17.95 -17.21
N GLU J 68 24.90 16.84 -17.90
CA GLU J 68 23.82 15.97 -18.35
C GLU J 68 23.01 15.42 -17.18
N ARG J 69 23.70 14.91 -16.16
CA ARG J 69 23.00 14.37 -14.99
C ARG J 69 22.11 15.41 -14.33
N THR J 70 22.58 16.65 -14.24
CA THR J 70 21.79 17.69 -13.60
C THR J 70 20.48 17.93 -14.36
N LEU J 71 20.55 18.07 -15.67
CA LEU J 71 19.33 18.28 -16.45
C LEU J 71 18.40 17.07 -16.37
N PHE J 72 18.95 15.86 -16.38
CA PHE J 72 18.13 14.66 -16.26
C PHE J 72 17.30 14.68 -14.98
N LYS J 73 17.94 14.96 -13.85
CA LYS J 73 17.25 15.01 -12.57
C LYS J 73 16.11 16.02 -12.58
N GLU J 74 16.34 17.18 -13.20
CA GLU J 74 15.29 18.20 -13.27
C GLU J 74 14.13 17.75 -14.16
N LEU J 75 14.43 17.12 -15.29
CA LEU J 75 13.37 16.65 -16.18
C LEU J 75 12.44 15.67 -15.49
N ILE J 76 12.98 14.64 -14.83
CA ILE J 76 12.15 13.62 -14.21
C ILE J 76 11.26 14.16 -13.10
N LYS J 77 11.54 15.35 -12.58
CA LYS J 77 10.62 15.91 -11.59
C LYS J 77 9.37 16.48 -12.23
N THR J 78 9.40 16.75 -13.53
CA THR J 78 8.21 17.27 -14.20
C THR J 78 7.19 16.17 -14.36
N ASN J 79 5.94 16.45 -14.00
CA ASN J 79 4.90 15.45 -14.11
C ASN J 79 4.74 14.95 -15.54
N GLY J 80 4.57 13.65 -15.68
CA GLY J 80 4.38 13.01 -16.97
C GLY J 80 5.65 12.69 -17.73
N VAL J 81 6.81 13.13 -17.27
CA VAL J 81 8.07 12.83 -17.96
C VAL J 81 8.74 11.70 -17.21
N GLY J 82 8.81 10.53 -17.82
CA GLY J 82 9.46 9.38 -17.25
C GLY J 82 10.91 9.27 -17.66
N PRO J 83 11.66 8.40 -17.00
CA PRO J 83 13.08 8.25 -17.37
C PRO J 83 13.27 7.90 -18.83
N LYS J 84 12.39 7.07 -19.40
CA LYS J 84 12.48 6.71 -20.81
C LYS J 84 12.40 7.95 -21.70
N LEU J 85 11.40 8.80 -21.46
CA LEU J 85 11.25 10.01 -22.23
C LEU J 85 12.42 10.97 -22.01
N ALA J 86 12.88 11.08 -20.77
CA ALA J 86 14.02 11.94 -20.46
C ALA J 86 15.27 11.56 -21.26
N LEU J 87 15.54 10.26 -21.38
CA LEU J 87 16.68 9.84 -22.19
C LEU J 87 16.49 10.20 -23.66
N ALA J 88 15.25 10.16 -24.15
CA ALA J 88 15.00 10.54 -25.54
C ALA J 88 15.37 11.99 -25.78
N ILE J 89 14.93 12.89 -24.90
CA ILE J 89 15.27 14.29 -25.05
C ILE J 89 16.78 14.48 -25.09
N LEU J 90 17.49 13.92 -24.12
CA LEU J 90 18.95 14.08 -24.12
C LEU J 90 19.60 13.45 -25.34
N SER J 91 18.91 12.53 -26.02
CA SER J 91 19.46 11.96 -27.24
C SER J 91 19.32 12.92 -28.41
N GLY J 92 18.16 13.58 -28.51
CA GLY J 92 17.91 14.49 -29.61
C GLY J 92 18.67 15.81 -29.52
N MET J 93 18.75 16.39 -28.33
CA MET J 93 19.35 17.71 -28.17
C MET J 93 20.41 17.73 -27.09
N SER J 94 21.43 18.58 -27.29
CA SER J 94 22.40 18.84 -26.26
C SER J 94 21.76 19.66 -25.14
N ALA J 95 22.33 19.56 -23.95
CA ALA J 95 21.78 20.28 -22.81
C ALA J 95 21.68 21.78 -23.09
N GLN J 96 22.72 22.36 -23.69
CA GLN J 96 22.70 23.80 -23.99
C GLN J 96 21.61 24.17 -24.98
N GLN J 97 21.44 23.37 -26.03
CA GLN J 97 20.38 23.63 -27.01
C GLN J 97 18.99 23.60 -26.39
N PHE J 98 18.75 22.65 -25.46
CA PHE J 98 17.46 22.56 -24.80
C PHE J 98 17.13 23.82 -24.02
N VAL J 99 18.08 24.31 -23.23
CA VAL J 99 17.86 25.53 -22.46
C VAL J 99 17.46 26.68 -23.38
N ASN J 100 18.20 26.87 -24.46
CA ASN J 100 17.89 27.95 -25.41
C ASN J 100 16.48 27.81 -25.97
N ALA J 101 16.10 26.60 -26.38
CA ALA J 101 14.76 26.39 -26.95
C ALA J 101 13.65 26.71 -25.96
N VAL J 102 13.79 26.32 -24.70
CA VAL J 102 12.75 26.60 -23.71
C VAL J 102 12.59 28.10 -23.51
N GLU J 103 13.71 28.80 -23.28
CA GLU J 103 13.62 30.24 -23.05
C GLU J 103 13.03 30.96 -24.25
N ARG J 104 13.33 30.49 -25.46
CA ARG J 104 12.78 31.08 -26.68
C ARG J 104 11.42 30.53 -27.05
N GLU J 105 10.94 29.49 -26.37
CA GLU J 105 9.66 28.85 -26.70
C GLU J 105 9.62 28.32 -28.14
N GLU J 106 10.75 27.78 -28.61
CA GLU J 106 10.80 27.23 -29.95
C GLU J 106 10.07 25.89 -29.98
N LEU J 107 8.74 25.96 -29.88
CA LEU J 107 7.92 24.75 -29.80
C LEU J 107 8.29 23.72 -30.87
N GLY J 108 8.53 24.18 -32.10
CA GLY J 108 8.88 23.24 -33.16
C GLY J 108 10.19 22.51 -32.92
N ALA J 109 11.14 23.15 -32.24
CA ALA J 109 12.41 22.49 -31.97
C ALA J 109 12.25 21.25 -31.10
N LEU J 110 11.24 21.24 -30.23
CA LEU J 110 10.94 20.10 -29.38
C LEU J 110 10.03 19.07 -30.02
N VAL J 111 8.95 19.51 -30.66
CA VAL J 111 7.97 18.59 -31.24
C VAL J 111 8.59 17.66 -32.27
N LYS J 112 9.66 18.08 -32.95
CA LYS J 112 10.29 17.19 -33.92
C LYS J 112 10.94 15.98 -33.27
N LEU J 113 11.23 16.00 -31.97
CA LEU J 113 11.87 14.86 -31.35
C LEU J 113 10.91 13.66 -31.29
N PRO J 114 11.43 12.44 -31.39
CA PRO J 114 10.57 11.26 -31.29
C PRO J 114 9.84 11.16 -29.96
N GLY J 115 8.59 10.71 -30.01
CA GLY J 115 7.79 10.53 -28.82
C GLY J 115 7.25 11.76 -28.13
N ILE J 116 7.57 12.96 -28.59
CA ILE J 116 7.14 14.20 -27.94
C ILE J 116 6.04 14.81 -28.79
N GLY J 117 4.86 14.99 -28.18
CA GLY J 117 3.73 15.62 -28.83
C GLY J 117 3.58 17.09 -28.51
N LYS J 118 2.67 17.73 -29.25
CA LYS J 118 2.42 19.16 -29.06
C LYS J 118 2.08 19.48 -27.60
N LYS J 119 1.11 18.76 -27.03
CA LYS J 119 0.75 19.00 -25.63
C LYS J 119 1.94 18.81 -24.71
N THR J 120 2.72 17.75 -24.91
CA THR J 120 3.89 17.52 -24.07
C THR J 120 4.87 18.68 -24.12
N ALA J 121 5.16 19.17 -25.32
CA ALA J 121 6.09 20.30 -25.46
C ALA J 121 5.57 21.54 -24.77
N GLU J 122 4.28 21.83 -24.90
CA GLU J 122 3.71 22.99 -24.22
C GLU J 122 3.90 22.87 -22.71
N ARG J 123 3.60 21.69 -22.16
CA ARG J 123 3.77 21.45 -20.73
C ARG J 123 5.21 21.65 -20.28
N LEU J 124 6.16 21.10 -21.04
CA LEU J 124 7.58 21.25 -20.72
C LEU J 124 8.01 22.71 -20.61
N ILE J 125 7.67 23.52 -21.62
CA ILE J 125 8.05 24.93 -21.62
C ILE J 125 7.49 25.63 -20.39
N VAL J 126 6.21 25.42 -20.12
CA VAL J 126 5.56 26.08 -18.99
C VAL J 126 6.27 25.74 -17.68
N GLU J 127 6.60 24.48 -17.47
CA GLU J 127 7.25 24.07 -16.23
C GLU J 127 8.74 24.42 -16.17
N MET J 128 9.49 24.14 -17.23
CA MET J 128 10.94 24.31 -17.19
C MET J 128 11.39 25.78 -17.23
N LYS J 129 10.66 26.64 -17.93
CA LYS J 129 11.08 28.04 -18.04
C LYS J 129 11.31 28.71 -16.69
N ASP J 130 10.60 28.27 -15.65
CA ASP J 130 10.74 28.85 -14.32
C ASP J 130 11.95 28.36 -13.52
N ARG J 131 12.54 27.22 -13.87
CA ARG J 131 13.63 26.69 -13.03
C ARG J 131 15.00 27.20 -13.42
N PHE J 132 15.28 27.45 -14.69
CA PHE J 132 16.62 27.92 -15.05
C PHE J 132 16.86 29.34 -14.55
N LYS J 133 15.82 30.16 -14.49
CA LYS J 133 15.95 31.53 -13.98
C LYS J 133 17.09 32.27 -14.67
N VAL L 1 23.13 -3.17 6.11
CA VAL L 1 23.18 -1.82 6.72
C VAL L 1 24.63 -1.37 6.82
N ILE L 2 24.98 -0.32 6.09
CA ILE L 2 26.32 0.24 6.12
C ILE L 2 26.49 1.06 7.40
N GLY L 3 27.42 0.63 8.25
CA GLY L 3 27.70 1.33 9.49
C GLY L 3 28.87 2.30 9.45
N ARG L 4 29.86 2.05 8.59
CA ARG L 4 31.02 2.91 8.49
C ARG L 4 31.58 2.84 7.07
N LEU L 5 32.10 3.98 6.59
CA LEU L 5 32.76 4.02 5.30
C LEU L 5 34.17 4.60 5.44
N ARG L 6 35.12 4.00 4.73
CA ARG L 6 36.49 4.47 4.68
C ARG L 6 36.92 4.53 3.22
N GLY L 7 37.42 5.67 2.78
CA GLY L 7 37.79 5.80 1.39
C GLY L 7 38.40 7.14 1.08
N ILE L 8 38.62 7.37 -0.21
CA ILE L 8 39.24 8.58 -0.73
C ILE L 8 38.19 9.63 -1.04
N ILE L 9 38.45 10.86 -0.65
CA ILE L 9 37.53 11.96 -0.95
C ILE L 9 37.72 12.38 -2.40
N LEU L 10 36.65 12.30 -3.18
CA LEU L 10 36.65 12.69 -4.59
C LEU L 10 36.21 14.14 -4.77
N GLU L 11 35.09 14.52 -4.16
CA GLU L 11 34.55 15.86 -4.33
C GLU L 11 33.89 16.31 -3.03
N LYS L 12 33.93 17.61 -2.79
CA LYS L 12 33.32 18.23 -1.61
C LYS L 12 32.43 19.37 -2.08
N GLN L 13 31.12 19.19 -1.94
CA GLN L 13 30.16 20.21 -2.35
C GLN L 13 29.03 20.24 -1.33
N PRO L 14 29.17 21.03 -0.28
CA PRO L 14 28.18 21.05 0.80
C PRO L 14 26.77 21.09 0.26
N PRO L 15 25.85 20.30 0.83
CA PRO L 15 26.03 19.38 1.95
C PRO L 15 26.47 17.96 1.59
N ILE L 16 26.88 17.70 0.35
CA ILE L 16 27.21 16.36 -0.12
C ILE L 16 28.71 16.18 -0.25
N VAL L 17 29.21 15.02 0.18
CA VAL L 17 30.58 14.62 -0.02
C VAL L 17 30.55 13.29 -0.78
N LEU L 18 31.55 13.07 -1.63
CA LEU L 18 31.64 11.85 -2.42
C LEU L 18 32.89 11.07 -2.04
N LEU L 19 32.70 9.84 -1.55
CA LEU L 19 33.79 8.95 -1.15
C LEU L 19 33.86 7.77 -2.10
N GLU L 20 35.05 7.44 -2.58
CA GLU L 20 35.25 6.30 -3.47
C GLU L 20 35.86 5.13 -2.73
N THR L 21 35.26 3.96 -2.88
CA THR L 21 35.75 2.71 -2.33
C THR L 21 35.70 1.67 -3.43
N GLY L 22 36.87 1.20 -3.88
CA GLY L 22 36.90 0.16 -4.89
C GLY L 22 36.17 0.49 -6.18
N GLY L 23 36.18 1.75 -6.58
CA GLY L 23 35.52 2.18 -7.80
C GLY L 23 34.06 2.53 -7.67
N VAL L 24 33.46 2.41 -6.48
CA VAL L 24 32.09 2.81 -6.25
C VAL L 24 32.10 4.11 -5.44
N GLY L 25 31.41 5.12 -5.94
CA GLY L 25 31.34 6.42 -5.28
C GLY L 25 30.03 6.55 -4.55
N TYR L 26 30.11 6.83 -3.25
CA TYR L 26 28.93 6.95 -2.41
C TYR L 26 28.64 8.41 -2.08
N GLU L 27 27.39 8.81 -2.29
CA GLU L 27 26.90 10.14 -1.93
C GLU L 27 26.57 10.15 -0.45
N VAL L 28 27.20 11.05 0.31
CA VAL L 28 26.98 11.16 1.75
C VAL L 28 26.56 12.56 2.13
N HIS L 29 25.51 12.68 2.93
CA HIS L 29 25.00 13.94 3.44
C HIS L 29 25.61 14.19 4.81
N MET L 30 26.06 15.41 5.08
CA MET L 30 26.71 15.69 6.35
C MET L 30 26.31 17.05 6.89
N PRO L 31 26.38 17.24 8.21
CA PRO L 31 26.10 18.55 8.80
C PRO L 31 27.05 19.63 8.27
N MET L 32 26.50 20.84 8.09
CA MET L 32 27.29 21.94 7.55
C MET L 32 28.54 22.21 8.39
N THR L 33 28.44 22.13 9.71
CA THR L 33 29.59 22.46 10.56
C THR L 33 30.61 21.34 10.69
N CYS L 34 30.23 20.09 10.49
CA CYS L 34 31.21 19.02 10.57
C CYS L 34 32.02 18.94 9.29
N PHE L 35 31.51 19.55 8.22
CA PHE L 35 32.16 19.56 6.93
C PHE L 35 33.54 20.22 7.00
N TYR L 36 33.73 21.14 7.93
CA TYR L 36 35.02 21.83 8.07
C TYR L 36 36.14 20.89 8.50
N GLU L 37 35.82 19.79 9.17
CA GLU L 37 36.86 18.86 9.63
C GLU L 37 37.33 17.87 8.56
N LEU L 38 36.62 17.74 7.45
CA LEU L 38 37.04 16.78 6.44
C LEU L 38 38.37 17.19 5.81
N PRO L 39 39.29 16.25 5.63
CA PRO L 39 40.56 16.57 4.98
C PRO L 39 40.38 17.11 3.58
N GLU L 40 41.50 17.52 2.99
CA GLU L 40 41.54 17.99 1.63
C GLU L 40 41.25 16.84 0.66
N ALA L 41 40.63 17.17 -0.47
CA ALA L 41 40.31 16.17 -1.47
C ALA L 41 41.54 15.38 -1.88
N GLY L 42 41.32 14.07 -2.11
CA GLY L 42 42.37 13.14 -2.43
C GLY L 42 42.94 12.40 -1.23
N GLN L 43 42.66 12.87 -0.01
CA GLN L 43 43.08 12.20 1.20
C GLN L 43 42.02 11.21 1.66
N GLU L 44 42.45 10.25 2.48
CA GLU L 44 41.53 9.28 3.07
C GLU L 44 40.78 9.88 4.25
N ALA L 45 39.54 9.45 4.44
CA ALA L 45 38.71 9.90 5.55
C ALA L 45 37.85 8.76 6.04
N ILE L 46 37.32 8.91 7.26
CA ILE L 46 36.44 7.94 7.88
C ILE L 46 35.19 8.66 8.33
N VAL L 47 34.03 8.06 8.09
CA VAL L 47 32.77 8.66 8.49
C VAL L 47 31.80 7.60 8.99
N PHE L 48 31.16 7.87 10.12
CA PHE L 48 30.14 6.99 10.67
C PHE L 48 28.82 7.32 9.99
N THR L 49 28.05 6.30 9.63
CA THR L 49 26.84 6.52 8.85
C THR L 49 25.63 5.80 9.41
N HIS L 50 24.48 6.27 8.93
CA HIS L 50 23.16 5.73 9.21
C HIS L 50 22.47 5.61 7.87
N PHE L 51 21.81 4.49 7.62
CA PHE L 51 21.21 4.21 6.32
C PHE L 51 19.70 4.33 6.45
N VAL L 52 19.11 5.18 5.62
CA VAL L 52 17.67 5.44 5.62
C VAL L 52 17.07 4.85 4.35
N VAL L 53 15.95 4.16 4.48
CA VAL L 53 15.27 3.57 3.35
C VAL L 53 13.81 3.98 3.35
N ARG L 54 13.30 4.35 2.18
CA ARG L 54 11.90 4.70 1.99
C ARG L 54 11.42 4.06 0.70
N GLU L 55 10.10 4.03 0.52
CA GLU L 55 9.51 3.42 -0.67
C GLU L 55 10.07 4.02 -1.96
N ASP L 56 10.32 5.32 -1.99
CA ASP L 56 10.82 5.97 -3.20
C ASP L 56 12.28 6.38 -3.17
N ALA L 57 12.99 6.26 -2.05
CA ALA L 57 14.36 6.74 -2.02
C ALA L 57 15.19 6.02 -0.97
N GLN L 58 16.49 6.03 -1.20
CA GLN L 58 17.49 5.52 -0.28
C GLN L 58 18.51 6.63 -0.06
N LEU L 59 18.92 6.83 1.19
CA LEU L 59 19.85 7.91 1.51
C LEU L 59 20.82 7.47 2.58
N LEU L 60 22.01 8.06 2.55
CA LEU L 60 23.08 7.74 3.47
C LEU L 60 23.57 9.02 4.14
N TYR L 61 23.49 9.06 5.46
CA TYR L 61 23.93 10.21 6.25
C TYR L 61 25.21 9.88 6.99
N GLY L 62 26.10 10.85 7.13
CA GLY L 62 27.38 10.63 7.76
C GLY L 62 27.70 11.66 8.83
N PHE L 63 28.52 11.25 9.78
CA PHE L 63 28.91 12.08 10.92
C PHE L 63 30.36 11.77 11.26
N ASN L 64 31.04 12.76 11.85
CA ASN L 64 32.44 12.58 12.23
C ASN L 64 32.64 11.85 13.54
N ASN L 65 31.64 11.84 14.41
CA ASN L 65 31.79 11.22 15.72
C ASN L 65 30.54 10.43 16.11
N LYS L 66 30.75 9.30 16.78
CA LYS L 66 29.65 8.46 17.21
C LYS L 66 28.64 9.22 18.04
N GLN L 67 29.07 10.21 18.81
CA GLN L 67 28.14 11.00 19.60
C GLN L 67 27.10 11.66 18.72
N GLU L 68 27.54 12.26 17.61
CA GLU L 68 26.62 12.91 16.69
C GLU L 68 25.60 11.92 16.14
N ARG L 69 26.06 10.76 15.67
CA ARG L 69 25.14 9.77 15.12
C ARG L 69 24.11 9.33 16.15
N THR L 70 24.52 9.16 17.40
CA THR L 70 23.58 8.73 18.42
C THR L 70 22.46 9.75 18.60
N LEU L 71 22.81 11.03 18.74
CA LEU L 71 21.80 12.06 18.88
C LEU L 71 20.91 12.16 17.65
N PHE L 72 21.49 12.03 16.45
CA PHE L 72 20.70 12.07 15.22
C PHE L 72 19.62 11.00 15.21
N LYS L 73 20.00 9.76 15.52
CA LYS L 73 19.05 8.66 15.54
C LYS L 73 17.91 8.92 16.52
N GLU L 74 18.23 9.51 17.67
CA GLU L 74 17.20 9.82 18.65
C GLU L 74 16.26 10.92 18.17
N LEU L 75 16.81 11.96 17.53
CA LEU L 75 15.98 13.06 17.05
C LEU L 75 14.95 12.59 16.03
N ILE L 76 15.38 11.82 15.02
CA ILE L 76 14.47 11.40 13.96
C ILE L 76 13.32 10.53 14.47
N LYS L 77 13.42 9.97 15.68
CA LYS L 77 12.28 9.24 16.20
C LYS L 77 11.18 10.16 16.71
N THR L 78 11.48 11.43 16.94
CA THR L 78 10.46 12.36 17.42
C THR L 78 9.53 12.72 16.27
N ASN L 79 8.23 12.60 16.50
CA ASN L 79 7.26 12.91 15.46
C ASN L 79 7.43 14.35 14.99
N GLY L 80 7.38 14.52 13.67
CA GLY L 80 7.52 15.82 13.04
C GLY L 80 8.93 16.28 12.76
N VAL L 81 9.94 15.55 13.23
CA VAL L 81 11.34 15.92 12.98
C VAL L 81 11.85 14.99 11.89
N GLY L 82 12.15 15.55 10.72
CA GLY L 82 12.69 14.80 9.62
C GLY L 82 14.20 14.93 9.54
N PRO L 83 14.84 14.11 8.70
CA PRO L 83 16.29 14.19 8.58
C PRO L 83 16.79 15.59 8.22
N LYS L 84 16.06 16.30 7.36
CA LYS L 84 16.46 17.65 6.98
C LYS L 84 16.53 18.56 8.20
N LEU L 85 15.49 18.54 9.02
CA LEU L 85 15.46 19.36 10.24
C LEU L 85 16.52 18.89 11.24
N ALA L 86 16.71 17.58 11.37
CA ALA L 86 17.71 17.06 12.29
C ALA L 86 19.11 17.55 11.95
N LEU L 87 19.46 17.58 10.67
CA LEU L 87 20.78 18.11 10.29
C LEU L 87 20.91 19.59 10.64
N ALA L 88 19.82 20.35 10.53
CA ALA L 88 19.87 21.76 10.89
C ALA L 88 20.23 21.94 12.36
N ILE L 89 19.56 21.20 13.24
CA ILE L 89 19.86 21.28 14.67
C ILE L 89 21.34 21.01 14.91
N LEU L 90 21.86 19.91 14.36
CA LEU L 90 23.27 19.59 14.55
C LEU L 90 24.19 20.64 13.94
N SER L 91 23.70 21.42 12.98
CA SER L 91 24.54 22.48 12.43
C SER L 91 24.60 23.68 13.36
N GLY L 92 23.49 23.97 14.03
CA GLY L 92 23.40 25.08 14.95
C GLY L 92 24.03 24.89 16.32
N MET L 93 23.90 23.70 16.91
CA MET L 93 24.40 23.46 18.25
C MET L 93 25.20 22.17 18.32
N SER L 94 26.20 22.15 19.21
CA SER L 94 26.91 20.91 19.50
C SER L 94 26.01 20.00 20.32
N ALA L 95 26.31 18.70 20.25
CA ALA L 95 25.50 17.73 20.98
C ALA L 95 25.42 18.05 22.47
N GLN L 96 26.55 18.43 23.08
CA GLN L 96 26.55 18.74 24.50
C GLN L 96 25.70 19.96 24.83
N GLN L 97 25.79 21.01 24.00
CA GLN L 97 24.97 22.20 24.23
C GLN L 97 23.48 21.91 24.13
N PHE L 98 23.09 21.07 23.17
CA PHE L 98 21.68 20.72 23.02
C PHE L 98 21.12 20.05 24.26
N VAL L 99 21.85 19.06 24.80
CA VAL L 99 21.39 18.38 26.01
C VAL L 99 21.16 19.38 27.14
N ASN L 100 22.11 20.27 27.36
CA ASN L 100 21.96 21.27 28.42
C ASN L 100 20.71 22.12 28.21
N ALA L 101 20.49 22.60 26.99
CA ALA L 101 19.33 23.44 26.69
C ALA L 101 18.01 22.74 26.98
N VAL L 102 17.90 21.46 26.62
CA VAL L 102 16.65 20.74 26.87
C VAL L 102 16.40 20.59 28.36
N GLU L 103 17.42 20.13 29.10
CA GLU L 103 17.25 19.94 30.54
C GLU L 103 16.89 21.24 31.24
N ARG L 104 17.39 22.37 30.75
CA ARG L 104 17.08 23.67 31.33
C ARG L 104 15.86 24.33 30.72
N GLU L 105 15.30 23.76 29.65
CA GLU L 105 14.16 24.35 28.94
C GLU L 105 14.46 25.74 28.40
N GLU L 106 15.68 25.95 27.92
CA GLU L 106 16.07 27.23 27.36
C GLU L 106 15.43 27.40 25.99
N LEU L 107 14.11 27.60 25.98
CA LEU L 107 13.35 27.71 24.74
C LEU L 107 14.01 28.66 23.75
N GLY L 108 14.50 29.80 24.21
CA GLY L 108 15.12 30.75 23.31
C GLY L 108 16.36 30.22 22.61
N ALA L 109 17.11 29.35 23.27
CA ALA L 109 18.31 28.79 22.64
C ALA L 109 17.97 27.95 21.41
N LEU L 110 16.80 27.34 21.38
CA LEU L 110 16.34 26.54 20.25
C LEU L 110 15.63 27.35 19.18
N VAL L 111 14.72 28.23 19.58
CA VAL L 111 13.92 29.00 18.62
C VAL L 111 14.79 29.83 17.69
N LYS L 112 15.96 30.27 18.15
CA LYS L 112 16.83 31.07 17.28
C LYS L 112 17.38 30.28 16.10
N LEU L 113 17.38 28.95 16.15
CA LEU L 113 17.94 28.20 15.02
C LEU L 113 17.02 28.30 13.80
N PRO L 114 17.59 28.30 12.59
CA PRO L 114 16.76 28.33 11.39
C PRO L 114 15.80 27.16 11.30
N GLY L 115 14.60 27.42 10.77
CA GLY L 115 13.61 26.40 10.56
C GLY L 115 12.86 25.90 11.79
N ILE L 116 13.26 26.29 12.99
CA ILE L 116 12.62 25.80 14.21
C ILE L 116 11.64 26.85 14.71
N GLY L 117 10.38 26.44 14.88
CA GLY L 117 9.34 27.31 15.40
C GLY L 117 9.09 27.12 16.89
N LYS L 118 8.32 28.06 17.44
CA LYS L 118 8.01 28.00 18.87
C LYS L 118 7.32 26.69 19.23
N LYS L 119 6.29 26.31 18.46
CA LYS L 119 5.62 25.04 18.72
C LYS L 119 6.58 23.87 18.63
N THR L 120 7.45 23.87 17.62
CA THR L 120 8.42 22.78 17.47
C THR L 120 9.35 22.69 18.67
N ALA L 121 9.87 23.83 19.13
CA ALA L 121 10.78 23.82 20.27
C ALA L 121 10.09 23.28 21.53
N GLU L 122 8.84 23.68 21.76
CA GLU L 122 8.10 23.15 22.89
C GLU L 122 7.97 21.64 22.80
N ARG L 123 7.57 21.15 21.63
CA ARG L 123 7.43 19.71 21.42
C ARG L 123 8.74 18.96 21.66
N LEU L 124 9.86 19.49 21.16
CA LEU L 124 11.16 18.86 21.36
C LEU L 124 11.50 18.70 22.84
N ILE L 125 11.37 19.76 23.62
CA ILE L 125 11.69 19.70 25.04
C ILE L 125 10.84 18.65 25.74
N VAL L 126 9.54 18.65 25.46
CA VAL L 126 8.62 17.71 26.09
C VAL L 126 9.05 16.27 25.82
N GLU L 127 9.40 15.96 24.56
CA GLU L 127 9.79 14.60 24.21
C GLU L 127 11.21 14.24 24.64
N MET L 128 12.19 15.09 24.34
CA MET L 128 13.58 14.74 24.58
C MET L 128 13.96 14.70 26.07
N LYS L 129 13.36 15.55 26.89
CA LYS L 129 13.74 15.59 28.31
C LYS L 129 13.62 14.23 28.99
N ASP L 130 12.71 13.38 28.53
CA ASP L 130 12.52 12.06 29.14
C ASP L 130 13.52 11.00 28.68
N ARG L 131 14.22 11.19 27.57
CA ARG L 131 15.10 10.12 27.10
C ARG L 131 16.53 10.20 27.64
N PHE L 132 17.07 11.39 27.88
CA PHE L 132 18.43 11.43 28.40
C PHE L 132 18.50 10.95 29.85
N LYS L 133 17.46 11.19 30.63
CA LYS L 133 17.42 10.73 32.01
C LYS L 133 18.65 11.19 32.79
#